data_7SXB
#
_entry.id   7SXB
#
_entity_poly.entity_id   1
_entity_poly.type   'polypeptide(L)'
_entity_poly.pdbx_seq_one_letter_code
;GSGTGCPPLPDDGIVFYEYYGYAGDRHTVGPVVTKDSSGNYPSPTHARRRCRALSQEADPGEFVAICYKSGTTGESHWEY
YKNIGKCPDP
;
_entity_poly.pdbx_strand_id   A
#
# COMPACT_ATOMS: atom_id res chain seq x y z
N GLY A 1 0.47 7.46 -18.05
CA GLY A 1 1.52 7.38 -16.99
C GLY A 1 2.78 6.77 -17.56
N SER A 2 2.74 5.46 -17.81
CA SER A 2 3.90 4.76 -18.35
C SER A 2 5.13 5.02 -17.50
N GLY A 3 4.92 5.18 -16.20
CA GLY A 3 6.02 5.42 -15.28
C GLY A 3 6.07 4.38 -14.17
N THR A 4 4.99 3.57 -14.11
CA THR A 4 4.83 2.54 -13.09
C THR A 4 5.32 3.04 -11.73
N GLY A 5 6.53 2.68 -11.31
CA GLY A 5 7.02 3.13 -10.02
C GLY A 5 6.10 2.67 -8.89
N CYS A 6 5.70 3.60 -8.04
CA CYS A 6 4.85 3.27 -6.92
C CYS A 6 3.44 3.78 -7.19
N PRO A 7 2.58 2.96 -7.75
CA PRO A 7 1.19 3.36 -8.07
C PRO A 7 0.39 3.59 -6.79
N PRO A 8 -0.76 4.20 -6.89
CA PRO A 8 -1.60 4.49 -5.70
C PRO A 8 -2.19 3.21 -5.08
N LEU A 9 -1.96 2.05 -5.73
CA LEU A 9 -2.54 0.77 -5.29
C LEU A 9 -4.03 0.75 -5.65
N PRO A 10 -4.41 0.11 -6.74
CA PRO A 10 -5.83 0.09 -7.21
C PRO A 10 -6.78 -0.70 -6.30
N ASP A 11 -8.07 -0.42 -6.48
CA ASP A 11 -9.12 -1.13 -5.76
C ASP A 11 -9.53 -2.33 -6.61
N ASP A 12 -9.58 -3.52 -6.01
CA ASP A 12 -9.94 -4.71 -6.79
C ASP A 12 -11.23 -5.37 -6.33
N GLY A 13 -11.98 -4.67 -5.51
CA GLY A 13 -13.29 -5.16 -5.11
C GLY A 13 -13.24 -6.21 -4.01
N ILE A 14 -12.04 -6.42 -3.47
CA ILE A 14 -11.85 -7.42 -2.43
C ILE A 14 -11.18 -6.71 -1.31
N VAL A 15 -10.21 -5.93 -1.71
CA VAL A 15 -9.48 -5.12 -0.80
C VAL A 15 -9.23 -3.77 -1.44
N PHE A 16 -8.66 -2.92 -0.66
CA PHE A 16 -8.24 -1.58 -1.09
C PHE A 16 -7.03 -1.25 -0.23
N TYR A 17 -6.23 -0.27 -0.62
CA TYR A 17 -5.08 0.05 0.12
C TYR A 17 -5.08 1.50 0.37
N GLU A 18 -4.37 1.89 1.37
CA GLU A 18 -4.29 3.27 1.66
C GLU A 18 -2.82 3.62 1.75
N TYR A 19 -2.54 4.88 1.49
CA TYR A 19 -1.16 5.36 1.48
C TYR A 19 -0.84 6.14 2.75
N TYR A 20 0.21 5.69 3.44
CA TYR A 20 0.65 6.37 4.65
C TYR A 20 2.13 6.71 4.58
N GLY A 21 2.50 7.79 5.26
CA GLY A 21 3.87 8.26 5.26
C GLY A 21 4.69 7.52 6.29
N TYR A 22 5.44 6.52 5.88
CA TYR A 22 6.21 5.80 6.86
C TYR A 22 7.33 6.68 7.41
N ALA A 23 7.28 6.99 8.72
CA ALA A 23 8.32 7.81 9.31
C ALA A 23 9.09 7.04 10.40
N GLY A 24 10.16 6.36 9.99
CA GLY A 24 11.02 5.64 10.92
C GLY A 24 10.25 4.87 12.00
N ASP A 25 9.00 4.49 11.73
CA ASP A 25 8.22 3.77 12.71
C ASP A 25 7.03 3.16 12.08
N ARG A 26 6.91 1.88 12.38
CA ARG A 26 5.88 1.09 11.86
C ARG A 26 4.53 1.47 12.42
N HIS A 27 3.61 1.06 11.62
CA HIS A 27 2.17 1.20 11.83
C HIS A 27 1.73 2.65 12.08
N THR A 28 2.68 3.58 11.97
CA THR A 28 2.41 4.98 12.24
C THR A 28 1.75 5.66 11.05
N VAL A 29 0.64 6.33 11.32
CA VAL A 29 -0.06 7.06 10.28
C VAL A 29 0.62 8.39 10.05
N GLY A 30 1.26 8.52 8.89
CA GLY A 30 1.96 9.75 8.54
C GLY A 30 1.10 10.56 7.59
N PRO A 31 1.67 11.54 6.95
CA PRO A 31 0.93 12.37 5.99
C PRO A 31 0.53 11.56 4.75
N VAL A 32 -0.68 11.79 4.27
CA VAL A 32 -1.16 11.07 3.10
C VAL A 32 -0.49 11.62 1.85
N VAL A 33 -0.19 10.74 0.89
CA VAL A 33 0.46 11.19 -0.33
C VAL A 33 -0.57 11.29 -1.44
N THR A 34 -0.26 12.10 -2.45
CA THR A 34 -1.19 12.33 -3.55
C THR A 34 -0.60 11.95 -4.91
N LYS A 35 -1.51 11.73 -5.88
CA LYS A 35 -1.21 11.34 -7.27
C LYS A 35 -1.55 9.87 -7.49
N ASP A 36 -1.74 9.50 -8.75
CA ASP A 36 -2.13 8.13 -9.11
C ASP A 36 -1.10 7.49 -10.04
N SER A 37 -1.51 6.37 -10.66
CA SER A 37 -0.63 5.61 -11.53
C SER A 37 -0.14 6.45 -12.71
N SER A 38 -0.88 7.52 -13.00
CA SER A 38 -0.48 8.41 -14.07
C SER A 38 0.44 9.48 -13.48
N GLY A 39 0.84 9.27 -12.22
CA GLY A 39 1.73 10.20 -11.53
C GLY A 39 3.06 9.51 -11.21
N ASN A 40 2.96 8.24 -10.77
CA ASN A 40 4.15 7.42 -10.45
C ASN A 40 5.02 8.10 -9.40
N TYR A 41 4.48 8.37 -8.22
CA TYR A 41 5.29 9.03 -7.21
C TYR A 41 5.94 7.97 -6.31
N PRO A 42 7.26 7.88 -6.24
CA PRO A 42 7.89 6.86 -5.38
C PRO A 42 7.97 7.29 -3.91
N SER A 43 7.51 6.41 -3.04
CA SER A 43 7.53 6.70 -1.62
C SER A 43 7.73 5.53 -0.78
N PRO A 44 8.45 5.65 0.31
CA PRO A 44 8.52 4.51 1.11
C PRO A 44 7.21 4.57 1.85
N THR A 45 6.30 3.91 1.22
CA THR A 45 4.90 3.86 1.61
C THR A 45 4.44 2.52 2.15
N HIS A 46 3.52 2.64 3.09
CA HIS A 46 2.91 1.49 3.72
C HIS A 46 1.45 1.38 3.29
N ALA A 47 1.06 0.19 2.86
CA ALA A 47 -0.32 -0.04 2.44
C ALA A 47 -1.08 -0.83 3.49
N ARG A 48 -2.31 -0.41 3.78
CA ARG A 48 -3.14 -1.10 4.74
C ARG A 48 -4.31 -1.67 3.99
N ARG A 49 -4.52 -2.94 4.20
CA ARG A 49 -5.54 -3.67 3.49
C ARG A 49 -6.67 -4.09 4.36
N ARG A 50 -7.82 -3.90 3.82
CA ARG A 50 -9.01 -4.35 4.47
C ARG A 50 -9.80 -5.17 3.50
N CYS A 51 -10.54 -6.13 3.99
CA CYS A 51 -11.34 -6.90 3.09
C CYS A 51 -12.72 -6.27 3.03
N ARG A 52 -13.13 -5.93 1.82
CA ARG A 52 -14.42 -5.28 1.62
C ARG A 52 -15.54 -6.08 2.26
N ALA A 53 -15.43 -7.41 2.20
CA ALA A 53 -16.44 -8.28 2.78
C ALA A 53 -16.48 -8.11 4.30
N LEU A 54 -15.40 -7.55 4.86
CA LEU A 54 -15.31 -7.34 6.30
C LEU A 54 -15.51 -5.87 6.65
N SER A 55 -16.04 -5.61 7.84
CA SER A 55 -16.27 -4.25 8.30
C SER A 55 -14.95 -3.59 8.72
N GLN A 56 -14.84 -2.32 8.38
CA GLN A 56 -13.62 -1.55 8.63
C GLN A 56 -13.15 -1.64 10.08
N GLU A 57 -14.11 -1.72 11.00
CA GLU A 57 -13.80 -1.82 12.43
C GLU A 57 -13.34 -3.24 12.79
N ALA A 58 -13.72 -4.22 12.00
CA ALA A 58 -13.29 -5.59 12.27
C ALA A 58 -11.79 -5.68 12.05
N ASP A 59 -11.29 -5.06 10.98
CA ASP A 59 -9.86 -5.14 10.68
C ASP A 59 -9.09 -3.96 11.29
N PRO A 60 -8.04 -4.21 12.04
CA PRO A 60 -7.21 -3.14 12.62
C PRO A 60 -6.18 -2.66 11.61
N GLY A 61 -6.36 -3.05 10.36
CA GLY A 61 -5.46 -2.67 9.31
C GLY A 61 -4.13 -3.37 9.46
N GLU A 62 -3.85 -4.28 8.53
CA GLU A 62 -2.59 -4.99 8.53
C GLU A 62 -1.89 -4.69 7.24
N PHE A 63 -0.60 -4.51 7.34
CA PHE A 63 0.18 -4.16 6.17
C PHE A 63 0.56 -5.41 5.38
N VAL A 64 0.28 -5.41 4.08
CA VAL A 64 0.60 -6.56 3.25
C VAL A 64 1.71 -6.27 2.26
N ALA A 65 2.03 -4.99 2.07
CA ALA A 65 3.09 -4.63 1.14
C ALA A 65 3.65 -3.26 1.45
N ILE A 66 4.92 -3.07 1.08
CA ILE A 66 5.61 -1.82 1.31
C ILE A 66 6.24 -1.32 0.02
N CYS A 67 6.45 -0.03 -0.06
CA CYS A 67 7.01 0.56 -1.26
C CYS A 67 8.35 1.17 -0.90
N TYR A 68 9.26 1.15 -1.84
CA TYR A 68 10.60 1.66 -1.58
C TYR A 68 11.23 2.19 -2.86
N LYS A 69 11.73 3.42 -2.83
CA LYS A 69 12.35 3.97 -4.02
C LYS A 69 13.80 3.44 -4.11
N SER A 70 14.12 2.86 -5.26
CA SER A 70 15.45 2.28 -5.48
C SER A 70 16.46 3.35 -5.89
N GLY A 71 17.56 3.43 -5.15
CA GLY A 71 18.61 4.41 -5.45
C GLY A 71 19.35 4.08 -6.74
N THR A 72 19.35 2.80 -7.12
CA THR A 72 20.08 2.37 -8.31
C THR A 72 19.30 2.61 -9.60
N THR A 73 18.04 2.19 -9.63
CA THR A 73 17.23 2.38 -10.84
C THR A 73 16.40 3.65 -10.74
N GLY A 74 16.14 4.08 -9.51
CA GLY A 74 15.35 5.28 -9.27
C GLY A 74 13.85 4.97 -9.26
N GLU A 75 13.50 3.74 -9.63
CA GLU A 75 12.13 3.33 -9.65
C GLU A 75 11.69 2.78 -8.31
N SER A 76 10.41 2.82 -8.13
CA SER A 76 9.78 2.34 -6.92
C SER A 76 8.85 1.15 -7.20
N HIS A 77 8.74 0.26 -6.24
CA HIS A 77 7.90 -0.93 -6.42
C HIS A 77 7.33 -1.42 -5.08
N TRP A 78 6.28 -2.24 -5.16
CA TRP A 78 5.68 -2.80 -3.95
C TRP A 78 6.34 -4.14 -3.64
N GLU A 79 6.55 -4.41 -2.36
CA GLU A 79 7.17 -5.65 -1.92
C GLU A 79 6.12 -6.55 -1.25
N TYR A 80 5.99 -7.78 -1.73
CA TYR A 80 5.01 -8.70 -1.15
C TYR A 80 5.62 -9.49 0.01
N TYR A 81 4.99 -9.40 1.18
CA TYR A 81 5.48 -10.12 2.35
C TYR A 81 5.03 -11.56 2.34
N LYS A 82 5.88 -12.44 2.84
CA LYS A 82 5.56 -13.85 2.92
C LYS A 82 4.75 -14.12 4.21
N ASN A 83 4.20 -15.31 4.31
CA ASN A 83 3.42 -15.69 5.49
C ASN A 83 2.26 -14.74 5.74
N ILE A 84 1.51 -14.42 4.68
CA ILE A 84 0.37 -13.53 4.82
C ILE A 84 -0.88 -14.34 5.18
N GLY A 85 -1.85 -13.69 5.83
CA GLY A 85 -3.06 -14.37 6.23
C GLY A 85 -4.20 -14.14 5.25
N LYS A 86 -5.34 -14.78 5.52
CA LYS A 86 -6.49 -14.70 4.63
C LYS A 86 -7.76 -14.28 5.39
N CYS A 87 -8.63 -13.53 4.73
CA CYS A 87 -9.87 -13.10 5.38
C CYS A 87 -11.04 -13.80 4.70
N PRO A 88 -12.16 -13.97 5.37
CA PRO A 88 -13.34 -14.69 4.79
C PRO A 88 -13.89 -14.03 3.53
N ASP A 89 -14.27 -14.85 2.56
CA ASP A 89 -14.82 -14.35 1.32
C ASP A 89 -16.21 -13.73 1.51
N PRO A 90 -17.15 -14.38 2.17
CA PRO A 90 -18.51 -13.80 2.38
C PRO A 90 -18.51 -12.74 3.47
N GLY A 1 6.31 3.30 -19.02
CA GLY A 1 5.10 3.00 -19.84
C GLY A 1 3.86 3.05 -18.95
N SER A 2 3.11 1.96 -18.95
CA SER A 2 1.90 1.88 -18.14
C SER A 2 1.91 0.63 -17.27
N GLY A 3 1.81 0.83 -15.96
CA GLY A 3 1.83 -0.29 -15.02
C GLY A 3 3.13 -0.29 -14.23
N THR A 4 3.96 0.72 -14.43
CA THR A 4 5.24 0.76 -13.74
C THR A 4 5.21 1.74 -12.57
N GLY A 5 6.37 2.21 -12.16
CA GLY A 5 6.48 3.15 -11.06
C GLY A 5 5.73 2.64 -9.83
N CYS A 6 5.44 3.54 -8.91
CA CYS A 6 4.74 3.19 -7.69
C CYS A 6 3.45 3.99 -7.60
N PRO A 7 2.42 3.57 -8.28
CA PRO A 7 1.12 4.26 -8.25
C PRO A 7 0.63 4.39 -6.82
N PRO A 8 -0.52 4.96 -6.57
CA PRO A 8 -0.97 5.11 -5.17
C PRO A 8 -1.29 3.76 -4.54
N LEU A 9 -1.54 2.76 -5.40
CA LEU A 9 -1.81 1.34 -5.02
C LEU A 9 -3.30 0.90 -4.98
N PRO A 10 -4.17 1.55 -4.25
CA PRO A 10 -5.56 1.01 -4.09
C PRO A 10 -6.37 0.81 -5.36
N ASP A 11 -6.98 -0.39 -5.49
CA ASP A 11 -7.94 -0.71 -6.55
C ASP A 11 -8.14 -2.21 -6.77
N ASP A 12 -8.53 -2.93 -5.71
CA ASP A 12 -8.63 -4.37 -5.80
C ASP A 12 -10.00 -4.94 -6.13
N GLY A 13 -11.02 -4.26 -5.67
CA GLY A 13 -12.39 -4.72 -5.89
C GLY A 13 -12.69 -5.88 -4.93
N ILE A 14 -11.86 -5.99 -3.89
CA ILE A 14 -11.99 -7.05 -2.89
C ILE A 14 -11.65 -6.44 -1.55
N VAL A 15 -10.58 -5.68 -1.64
CA VAL A 15 -10.02 -4.93 -0.57
C VAL A 15 -9.81 -3.51 -1.08
N PHE A 16 -9.26 -2.70 -0.23
CA PHE A 16 -8.89 -1.33 -0.58
C PHE A 16 -7.63 -1.05 0.21
N TYR A 17 -6.85 -0.05 -0.17
CA TYR A 17 -5.66 0.25 0.52
C TYR A 17 -5.65 1.70 0.78
N GLU A 18 -4.86 2.08 1.72
CA GLU A 18 -4.75 3.46 2.01
C GLU A 18 -3.28 3.79 1.94
N TYR A 19 -2.97 4.98 1.50
CA TYR A 19 -1.58 5.38 1.37
C TYR A 19 -1.19 6.34 2.48
N TYR A 20 -0.16 5.93 3.24
CA TYR A 20 0.36 6.71 4.38
C TYR A 20 1.87 6.94 4.27
N GLY A 21 2.31 7.95 5.04
CA GLY A 21 3.70 8.34 5.07
C GLY A 21 4.45 7.43 5.98
N TYR A 22 5.45 6.77 5.46
CA TYR A 22 6.18 5.86 6.30
C TYR A 22 6.99 6.61 7.35
N ALA A 23 6.57 6.47 8.61
CA ALA A 23 7.30 7.10 9.71
C ALA A 23 7.78 6.03 10.68
N GLY A 24 8.97 5.50 10.46
CA GLY A 24 9.53 4.49 11.33
C GLY A 24 8.86 3.11 11.12
N ASP A 25 7.84 3.07 10.23
CA ASP A 25 7.10 1.84 9.93
C ASP A 25 6.85 1.02 11.19
N ARG A 26 5.61 1.16 11.67
CA ARG A 26 5.13 0.45 12.82
C ARG A 26 3.68 0.80 13.15
N HIS A 27 2.93 0.75 12.06
CA HIS A 27 1.48 0.91 12.04
C HIS A 27 0.98 2.26 12.56
N THR A 28 1.92 3.20 12.71
CA THR A 28 1.58 4.55 13.16
C THR A 28 0.71 5.20 12.10
N VAL A 29 -0.42 5.76 12.57
CA VAL A 29 -1.40 6.39 11.68
C VAL A 29 -0.99 7.81 11.28
N GLY A 30 -0.91 8.02 9.99
CA GLY A 30 -0.65 9.33 9.40
C GLY A 30 -1.14 9.28 7.96
N PRO A 31 -1.95 10.20 7.50
CA PRO A 31 -2.47 10.12 6.09
C PRO A 31 -1.50 10.67 5.06
N VAL A 32 -1.17 9.86 4.06
CA VAL A 32 -0.30 10.32 2.99
C VAL A 32 -0.90 10.27 1.62
N VAL A 33 -0.43 11.15 0.79
CA VAL A 33 -0.93 11.26 -0.58
C VAL A 33 0.08 10.82 -1.59
N THR A 34 -0.39 10.11 -2.60
CA THR A 34 0.52 9.60 -3.62
C THR A 34 0.07 9.93 -5.04
N LYS A 35 1.04 10.32 -5.90
CA LYS A 35 0.78 10.64 -7.31
C LYS A 35 1.82 11.62 -7.87
N ASP A 36 2.32 11.32 -9.07
CA ASP A 36 3.27 12.23 -9.73
C ASP A 36 2.63 12.74 -11.01
N SER A 37 3.32 13.59 -11.74
CA SER A 37 2.76 14.13 -12.97
C SER A 37 2.48 12.98 -13.94
N SER A 38 3.35 11.98 -13.90
CA SER A 38 3.20 10.80 -14.75
C SER A 38 2.52 9.67 -13.99
N GLY A 39 2.18 9.91 -12.72
CA GLY A 39 1.50 8.89 -11.91
C GLY A 39 2.48 7.94 -11.21
N ASN A 40 3.78 8.23 -11.28
CA ASN A 40 4.77 7.35 -10.65
C ASN A 40 5.73 8.13 -9.75
N TYR A 41 5.27 8.59 -8.59
CA TYR A 41 6.15 9.32 -7.70
C TYR A 41 6.77 8.35 -6.69
N PRO A 42 8.01 8.49 -6.33
CA PRO A 42 8.60 7.49 -5.39
C PRO A 42 8.31 7.78 -3.92
N SER A 43 7.72 6.81 -3.23
CA SER A 43 7.41 6.97 -1.81
C SER A 43 7.44 5.77 -1.05
N PRO A 44 8.02 5.77 0.12
CA PRO A 44 7.86 4.60 0.85
C PRO A 44 6.52 4.81 1.52
N THR A 45 5.58 4.35 0.77
CA THR A 45 4.17 4.44 1.10
C THR A 45 3.69 3.14 1.73
N HIS A 46 2.91 3.28 2.79
CA HIS A 46 2.42 2.14 3.55
C HIS A 46 0.93 1.92 3.27
N ALA A 47 0.58 0.68 2.91
CA ALA A 47 -0.82 0.36 2.62
C ALA A 47 -1.45 -0.53 3.68
N ARG A 48 -2.71 -0.23 4.00
CA ARG A 48 -3.47 -1.00 4.94
C ARG A 48 -4.67 -1.53 4.20
N ARG A 49 -4.83 -2.82 4.32
CA ARG A 49 -5.85 -3.54 3.59
C ARG A 49 -6.92 -4.12 4.47
N ARG A 50 -8.10 -4.00 3.97
CA ARG A 50 -9.25 -4.54 4.60
C ARG A 50 -10.05 -5.33 3.60
N CYS A 51 -10.80 -6.30 4.06
CA CYS A 51 -11.63 -7.05 3.16
C CYS A 51 -13.02 -6.43 3.18
N ARG A 52 -13.53 -6.11 1.99
CA ARG A 52 -14.83 -5.47 1.87
C ARG A 52 -15.92 -6.27 2.57
N ALA A 53 -15.85 -7.59 2.46
CA ALA A 53 -16.83 -8.45 3.10
C ALA A 53 -16.79 -8.29 4.62
N LEU A 54 -15.69 -7.72 5.13
CA LEU A 54 -15.55 -7.52 6.57
C LEU A 54 -15.71 -6.06 6.96
N SER A 55 -16.23 -5.84 8.16
CA SER A 55 -16.41 -4.49 8.68
C SER A 55 -15.08 -3.89 9.10
N GLN A 56 -14.95 -2.60 8.87
CA GLN A 56 -13.71 -1.88 9.14
C GLN A 56 -13.20 -2.11 10.56
N GLU A 57 -14.13 -2.25 11.50
CA GLU A 57 -13.78 -2.50 12.90
C GLU A 57 -13.33 -3.94 13.12
N ALA A 58 -13.75 -4.85 12.26
CA ALA A 58 -13.32 -6.25 12.40
C ALA A 58 -11.82 -6.33 12.14
N ASP A 59 -11.34 -5.63 11.12
CA ASP A 59 -9.92 -5.68 10.79
C ASP A 59 -9.14 -4.53 11.43
N PRO A 60 -8.06 -4.82 12.13
CA PRO A 60 -7.22 -3.78 12.76
C PRO A 60 -6.23 -3.19 11.77
N GLY A 61 -6.50 -3.42 10.49
CA GLY A 61 -5.64 -2.92 9.44
C GLY A 61 -4.31 -3.65 9.47
N GLU A 62 -4.05 -4.41 8.42
CA GLU A 62 -2.81 -5.14 8.31
C GLU A 62 -2.15 -4.72 7.02
N PHE A 63 -0.85 -4.54 7.09
CA PHE A 63 -0.11 -4.13 5.91
C PHE A 63 0.19 -5.34 5.04
N VAL A 64 -0.18 -5.25 3.77
CA VAL A 64 0.07 -6.35 2.84
C VAL A 64 1.14 -5.96 1.82
N ALA A 65 1.40 -4.67 1.69
CA ALA A 65 2.40 -4.21 0.74
C ALA A 65 2.96 -2.84 1.14
N ILE A 66 4.21 -2.63 0.74
CA ILE A 66 4.91 -1.39 1.02
C ILE A 66 5.63 -0.93 -0.24
N CYS A 67 5.91 0.34 -0.35
CA CYS A 67 6.59 0.84 -1.54
C CYS A 67 7.95 1.34 -1.13
N TYR A 68 8.89 1.32 -2.05
CA TYR A 68 10.25 1.72 -1.73
C TYR A 68 10.97 2.31 -2.93
N LYS A 69 11.54 3.49 -2.74
CA LYS A 69 12.28 4.13 -3.82
C LYS A 69 13.67 3.53 -3.94
N SER A 70 14.00 3.05 -5.14
CA SER A 70 15.31 2.43 -5.39
C SER A 70 16.37 3.47 -5.70
N GLY A 71 17.48 3.39 -4.97
CA GLY A 71 18.59 4.32 -5.15
C GLY A 71 19.27 4.20 -6.50
N THR A 72 19.42 2.97 -7.00
CA THR A 72 20.13 2.75 -8.26
C THR A 72 19.33 3.17 -9.49
N THR A 73 18.05 2.82 -9.58
CA THR A 73 17.25 3.19 -10.74
C THR A 73 16.41 4.43 -10.46
N GLY A 74 16.09 4.65 -9.20
CA GLY A 74 15.31 5.81 -8.80
C GLY A 74 13.81 5.52 -8.85
N GLU A 75 13.44 4.36 -9.41
CA GLU A 75 12.07 3.96 -9.52
C GLU A 75 11.60 3.34 -8.22
N SER A 76 10.31 3.42 -8.04
CA SER A 76 9.66 2.88 -6.87
C SER A 76 8.67 1.78 -7.24
N HIS A 77 8.52 0.80 -6.34
CA HIS A 77 7.61 -0.31 -6.61
C HIS A 77 7.01 -0.87 -5.31
N TRP A 78 5.88 -1.57 -5.44
CA TRP A 78 5.24 -2.19 -4.28
C TRP A 78 5.87 -3.56 -4.03
N GLU A 79 6.09 -3.89 -2.75
CA GLU A 79 6.67 -5.18 -2.37
C GLU A 79 5.64 -6.01 -1.60
N TYR A 80 5.38 -7.23 -2.07
CA TYR A 80 4.42 -8.10 -1.41
C TYR A 80 5.07 -8.95 -0.33
N TYR A 81 4.53 -8.90 0.88
CA TYR A 81 5.07 -9.69 1.99
C TYR A 81 4.62 -11.14 1.89
N LYS A 82 5.49 -12.06 2.28
CA LYS A 82 5.16 -13.47 2.24
C LYS A 82 4.39 -13.88 3.49
N ASN A 83 3.89 -15.11 3.46
CA ASN A 83 3.13 -15.68 4.57
C ASN A 83 1.83 -14.90 4.84
N ILE A 84 1.18 -14.47 3.78
CA ILE A 84 -0.10 -13.76 3.88
C ILE A 84 -0.89 -14.04 2.61
N GLY A 85 -1.53 -15.22 2.58
CA GLY A 85 -2.31 -15.61 1.42
C GLY A 85 -3.81 -15.61 1.67
N LYS A 86 -4.20 -15.45 2.95
CA LYS A 86 -5.62 -15.52 3.29
C LYS A 86 -6.09 -14.30 4.07
N CYS A 87 -7.34 -13.92 3.84
CA CYS A 87 -7.92 -12.78 4.54
C CYS A 87 -9.02 -13.29 5.46
N PRO A 88 -9.29 -12.60 6.55
CA PRO A 88 -10.35 -13.06 7.52
C PRO A 88 -11.73 -13.13 6.88
N ASP A 89 -12.51 -14.13 7.33
CA ASP A 89 -13.86 -14.34 6.82
C ASP A 89 -14.83 -13.32 7.41
N PRO A 90 -15.96 -13.10 6.77
CA PRO A 90 -16.99 -12.15 7.25
C PRO A 90 -17.91 -12.75 8.30
N GLY A 1 0.28 -5.81 -13.45
CA GLY A 1 1.47 -5.62 -12.58
C GLY A 1 1.56 -4.16 -12.13
N SER A 2 1.53 -3.26 -13.11
CA SER A 2 1.61 -1.83 -12.81
C SER A 2 2.93 -1.48 -12.16
N GLY A 3 3.72 -0.66 -12.86
CA GLY A 3 5.02 -0.23 -12.35
C GLY A 3 5.20 1.27 -12.51
N THR A 4 6.16 1.61 -13.35
CA THR A 4 6.54 3.00 -13.64
C THR A 4 6.52 3.86 -12.37
N GLY A 5 6.81 3.22 -11.24
CA GLY A 5 6.83 3.91 -9.95
C GLY A 5 5.82 3.29 -8.99
N CYS A 6 5.38 4.08 -8.02
CA CYS A 6 4.42 3.59 -7.05
C CYS A 6 3.05 4.24 -7.27
N PRO A 7 2.18 3.59 -8.01
CA PRO A 7 0.83 4.14 -8.28
C PRO A 7 -0.02 4.16 -7.01
N PRO A 8 -1.19 4.72 -7.05
CA PRO A 8 -2.07 4.79 -5.83
C PRO A 8 -2.61 3.40 -5.43
N LEU A 9 -2.19 2.35 -6.14
CA LEU A 9 -2.67 0.99 -5.87
C LEU A 9 -4.16 0.87 -6.25
N PRO A 10 -4.48 0.15 -7.32
CA PRO A 10 -5.89 0.04 -7.81
C PRO A 10 -6.82 -0.78 -6.89
N ASP A 11 -8.12 -0.58 -7.12
CA ASP A 11 -9.16 -1.32 -6.40
C ASP A 11 -9.56 -2.51 -7.26
N ASP A 12 -9.63 -3.72 -6.68
CA ASP A 12 -10.00 -4.89 -7.47
C ASP A 12 -11.31 -5.51 -7.05
N GLY A 13 -12.06 -4.78 -6.26
CA GLY A 13 -13.38 -5.23 -5.84
C GLY A 13 -13.33 -6.30 -4.78
N ILE A 14 -12.16 -6.44 -4.18
CA ILE A 14 -11.95 -7.44 -3.15
C ILE A 14 -11.23 -6.77 -2.03
N VAL A 15 -10.30 -5.93 -2.40
CA VAL A 15 -9.55 -5.17 -1.46
C VAL A 15 -9.30 -3.79 -2.07
N PHE A 16 -8.76 -2.95 -1.24
CA PHE A 16 -8.34 -1.60 -1.63
C PHE A 16 -7.19 -1.25 -0.69
N TYR A 17 -6.41 -0.21 -0.98
CA TYR A 17 -5.30 0.09 -0.16
C TYR A 17 -5.33 1.52 0.20
N GLU A 18 -4.68 1.81 1.27
CA GLU A 18 -4.60 3.16 1.69
C GLU A 18 -3.13 3.47 1.93
N TYR A 19 -2.75 4.71 1.65
CA TYR A 19 -1.36 5.11 1.81
C TYR A 19 -1.12 6.00 3.00
N TYR A 20 -0.01 5.73 3.67
CA TYR A 20 0.40 6.53 4.82
C TYR A 20 1.80 7.13 4.59
N GLY A 21 1.99 8.33 5.10
CA GLY A 21 3.22 9.08 4.92
C GLY A 21 4.31 8.69 5.90
N TYR A 22 4.13 7.58 6.58
CA TYR A 22 5.17 7.11 7.48
C TYR A 22 6.18 6.51 6.52
N ALA A 23 7.44 6.63 6.94
CA ALA A 23 8.57 6.03 6.25
C ALA A 23 9.24 5.01 7.21
N GLY A 24 9.98 4.03 6.69
CA GLY A 24 10.69 3.05 7.54
C GLY A 24 9.89 1.78 7.94
N ASP A 25 8.59 1.74 7.64
CA ASP A 25 7.68 0.61 7.94
C ASP A 25 6.75 1.02 9.05
N ARG A 26 6.22 0.07 9.83
CA ARG A 26 5.30 0.39 10.93
C ARG A 26 4.72 1.75 10.64
N HIS A 27 3.90 1.72 9.58
CA HIS A 27 3.28 2.92 9.05
C HIS A 27 2.02 3.26 9.78
N THR A 28 2.23 3.32 11.08
CA THR A 28 1.16 3.63 12.01
C THR A 28 0.80 5.11 11.96
N VAL A 29 -0.41 5.31 11.45
CA VAL A 29 -1.04 6.61 11.23
C VAL A 29 -0.03 7.74 11.07
N GLY A 30 0.10 8.18 9.82
CA GLY A 30 1.00 9.27 9.49
C GLY A 30 0.31 10.18 8.48
N PRO A 31 0.91 11.29 8.15
CA PRO A 31 0.32 12.24 7.17
C PRO A 31 0.06 11.58 5.82
N VAL A 32 -1.07 11.89 5.22
CA VAL A 32 -1.42 11.32 3.93
C VAL A 32 -0.61 11.97 2.82
N VAL A 33 -0.18 11.17 1.85
CA VAL A 33 0.62 11.70 0.75
C VAL A 33 -0.25 11.89 -0.49
N THR A 34 0.15 12.82 -1.35
CA THR A 34 -0.62 13.11 -2.56
C THR A 34 0.07 12.58 -3.82
N LYS A 35 -0.72 12.07 -4.74
CA LYS A 35 -0.18 11.49 -5.97
C LYS A 35 0.53 12.54 -6.84
N ASP A 36 1.50 12.07 -7.63
CA ASP A 36 2.25 12.96 -8.51
C ASP A 36 1.50 13.17 -9.82
N SER A 37 2.09 13.97 -10.69
CA SER A 37 1.46 14.28 -11.98
C SER A 37 1.25 13.03 -12.82
N SER A 38 2.21 12.13 -12.75
CA SER A 38 2.14 10.89 -13.52
C SER A 38 1.46 9.80 -12.68
N GLY A 39 1.15 10.12 -11.43
CA GLY A 39 0.48 9.16 -10.55
C GLY A 39 1.48 8.21 -9.88
N ASN A 40 2.76 8.34 -10.24
CA ASN A 40 3.80 7.46 -9.68
C ASN A 40 4.73 8.24 -8.76
N TYR A 41 4.26 8.62 -7.59
CA TYR A 41 5.11 9.35 -6.66
C TYR A 41 5.86 8.34 -5.78
N PRO A 42 7.18 8.36 -5.70
CA PRO A 42 7.87 7.34 -4.85
C PRO A 42 7.79 7.71 -3.37
N SER A 43 7.28 6.81 -2.57
CA SER A 43 7.13 7.04 -1.15
C SER A 43 7.27 5.87 -0.33
N PRO A 44 7.88 5.97 0.84
CA PRO A 44 7.88 4.81 1.62
C PRO A 44 6.48 4.80 2.17
N THR A 45 5.73 4.08 1.44
CA THR A 45 4.29 3.95 1.62
C THR A 45 3.85 2.55 1.97
N HIS A 46 2.88 2.48 2.85
CA HIS A 46 2.29 1.21 3.22
C HIS A 46 0.88 1.13 2.69
N ALA A 47 0.51 -0.06 2.30
CA ALA A 47 -0.82 -0.30 1.78
C ALA A 47 -1.64 -1.02 2.86
N ARG A 48 -2.75 -0.41 3.31
CA ARG A 48 -3.58 -1.04 4.29
C ARG A 48 -4.73 -1.67 3.56
N ARG A 49 -4.88 -2.94 3.79
CA ARG A 49 -5.85 -3.73 3.08
C ARG A 49 -6.99 -4.18 3.91
N ARG A 50 -8.13 -4.03 3.34
CA ARG A 50 -9.34 -4.49 3.93
C ARG A 50 -10.05 -5.35 2.93
N CYS A 51 -10.76 -6.34 3.40
CA CYS A 51 -11.48 -7.18 2.48
C CYS A 51 -12.88 -6.68 2.34
N ARG A 52 -13.20 -6.39 1.09
CA ARG A 52 -14.49 -5.95 0.75
C ARG A 52 -15.43 -7.00 1.27
N ALA A 53 -16.57 -6.54 1.71
CA ALA A 53 -17.64 -7.37 2.30
C ALA A 53 -17.60 -7.25 3.83
N LEU A 54 -16.47 -6.82 4.37
CA LEU A 54 -16.33 -6.65 5.81
C LEU A 54 -16.48 -5.18 6.19
N SER A 55 -16.97 -4.94 7.41
CA SER A 55 -17.14 -3.58 7.88
C SER A 55 -15.80 -2.98 8.29
N GLN A 56 -15.55 -1.75 7.86
CA GLN A 56 -14.26 -1.10 8.11
C GLN A 56 -13.81 -1.17 9.58
N GLU A 57 -14.78 -1.26 10.48
CA GLU A 57 -14.50 -1.35 11.92
C GLU A 57 -14.02 -2.75 12.33
N ALA A 58 -14.40 -3.77 11.57
CA ALA A 58 -13.96 -5.13 11.89
C ALA A 58 -12.47 -5.27 11.60
N ASP A 59 -11.97 -4.74 10.49
CA ASP A 59 -10.56 -4.89 10.17
C ASP A 59 -9.74 -3.70 10.67
N PRO A 60 -8.70 -3.92 11.45
CA PRO A 60 -7.83 -2.84 11.95
C PRO A 60 -6.80 -2.44 10.91
N GLY A 61 -6.97 -2.98 9.71
CA GLY A 61 -6.06 -2.67 8.62
C GLY A 61 -4.74 -3.38 8.80
N GLU A 62 -4.44 -4.29 7.88
CA GLU A 62 -3.19 -5.02 7.93
C GLU A 62 -2.40 -4.64 6.71
N PHE A 63 -1.12 -4.42 6.89
CA PHE A 63 -0.29 -4.02 5.78
C PHE A 63 0.16 -5.25 4.99
N VAL A 64 -0.05 -5.24 3.69
CA VAL A 64 0.34 -6.38 2.86
C VAL A 64 1.49 -6.04 1.92
N ALA A 65 1.79 -4.76 1.76
CA ALA A 65 2.88 -4.37 0.88
C ALA A 65 3.41 -2.99 1.22
N ILE A 66 4.68 -2.77 0.90
CA ILE A 66 5.34 -1.50 1.17
C ILE A 66 6.00 -0.97 -0.11
N CYS A 67 6.16 0.33 -0.19
CA CYS A 67 6.75 0.95 -1.35
C CYS A 67 8.06 1.57 -0.95
N TYR A 68 9.04 1.47 -1.82
CA TYR A 68 10.35 2.00 -1.50
C TYR A 68 11.04 2.53 -2.74
N LYS A 69 11.49 3.77 -2.68
CA LYS A 69 12.17 4.34 -3.83
C LYS A 69 13.61 3.83 -3.87
N SER A 70 13.97 3.22 -4.99
CA SER A 70 15.32 2.67 -5.15
C SER A 70 16.33 3.77 -5.48
N GLY A 71 17.40 3.82 -4.70
CA GLY A 71 18.45 4.81 -4.93
C GLY A 71 19.23 4.52 -6.21
N THR A 72 19.17 3.27 -6.67
CA THR A 72 19.92 2.87 -7.86
C THR A 72 19.20 3.24 -9.15
N THR A 73 17.90 2.96 -9.24
CA THR A 73 17.14 3.28 -10.45
C THR A 73 16.27 4.51 -10.25
N GLY A 74 15.93 4.80 -9.00
CA GLY A 74 15.10 5.95 -8.69
C GLY A 74 13.61 5.62 -8.77
N GLU A 75 13.30 4.41 -9.25
CA GLU A 75 11.94 3.97 -9.39
C GLU A 75 11.42 3.41 -8.09
N SER A 76 10.12 3.42 -7.99
CA SER A 76 9.42 2.91 -6.83
C SER A 76 8.61 1.67 -7.18
N HIS A 77 8.55 0.73 -6.24
CA HIS A 77 7.81 -0.51 -6.47
C HIS A 77 7.23 -1.05 -5.16
N TRP A 78 6.21 -1.90 -5.28
CA TRP A 78 5.60 -2.50 -4.10
C TRP A 78 6.29 -3.81 -3.77
N GLU A 79 6.48 -4.07 -2.47
CA GLU A 79 7.13 -5.29 -2.01
C GLU A 79 6.09 -6.26 -1.46
N TYR A 80 6.09 -7.49 -1.99
CA TYR A 80 5.13 -8.49 -1.56
C TYR A 80 5.67 -9.36 -0.42
N TYR A 81 4.91 -9.46 0.66
CA TYR A 81 5.33 -10.29 1.79
C TYR A 81 5.01 -11.75 1.51
N LYS A 82 5.88 -12.63 2.01
CA LYS A 82 5.69 -14.05 1.83
C LYS A 82 4.79 -14.63 2.92
N ASN A 83 4.43 -15.89 2.75
CA ASN A 83 3.56 -16.58 3.70
C ASN A 83 2.19 -15.92 3.81
N ILE A 84 1.66 -15.52 2.66
CA ILE A 84 0.33 -14.93 2.60
C ILE A 84 -0.66 -16.01 2.20
N GLY A 85 -1.87 -15.98 2.76
CA GLY A 85 -2.85 -17.00 2.42
C GLY A 85 -4.25 -16.69 2.96
N LYS A 86 -4.32 -15.84 3.99
CA LYS A 86 -5.60 -15.53 4.62
C LYS A 86 -5.85 -14.04 4.68
N CYS A 87 -7.11 -13.63 4.58
CA CYS A 87 -7.46 -12.22 4.63
C CYS A 87 -8.19 -11.94 5.95
N PRO A 88 -8.15 -10.73 6.46
CA PRO A 88 -8.79 -10.39 7.76
C PRO A 88 -10.30 -10.62 7.76
N ASP A 89 -10.80 -11.11 8.90
CA ASP A 89 -12.22 -11.39 9.05
C ASP A 89 -12.78 -12.09 7.82
N PRO A 90 -12.29 -13.27 7.53
CA PRO A 90 -12.74 -14.06 6.35
C PRO A 90 -14.17 -14.59 6.52
N GLY A 1 10.04 9.67 -16.84
CA GLY A 1 9.06 9.29 -15.78
C GLY A 1 8.92 7.77 -15.75
N SER A 2 8.00 7.28 -14.92
CA SER A 2 7.77 5.85 -14.81
C SER A 2 6.27 5.53 -14.80
N GLY A 3 5.83 4.74 -15.76
CA GLY A 3 4.42 4.34 -15.82
C GLY A 3 4.10 3.41 -14.66
N THR A 4 4.97 2.49 -14.25
CA THR A 4 4.59 1.63 -13.13
C THR A 4 4.98 2.29 -11.81
N GLY A 5 6.21 2.07 -11.36
CA GLY A 5 6.66 2.66 -10.10
C GLY A 5 5.74 2.26 -8.95
N CYS A 6 5.33 3.23 -8.14
CA CYS A 6 4.48 2.94 -7.01
C CYS A 6 3.07 3.43 -7.30
N PRO A 7 2.24 2.59 -7.89
CA PRO A 7 0.85 2.98 -8.22
C PRO A 7 0.04 3.23 -6.97
N PRO A 8 -1.11 3.81 -7.10
CA PRO A 8 -1.97 4.14 -5.92
C PRO A 8 -2.54 2.89 -5.24
N LEU A 9 -2.27 1.70 -5.82
CA LEU A 9 -2.83 0.44 -5.32
C LEU A 9 -4.32 0.39 -5.69
N PRO A 10 -4.68 -0.28 -6.78
CA PRO A 10 -6.10 -0.31 -7.26
C PRO A 10 -7.08 -1.06 -6.35
N ASP A 11 -8.36 -0.76 -6.57
CA ASP A 11 -9.46 -1.39 -5.85
C ASP A 11 -9.89 -2.63 -6.64
N ASP A 12 -9.91 -3.80 -6.00
CA ASP A 12 -10.30 -5.02 -6.71
C ASP A 12 -11.63 -5.59 -6.24
N GLY A 13 -12.37 -4.80 -5.50
CA GLY A 13 -13.69 -5.21 -5.07
C GLY A 13 -13.65 -6.21 -3.93
N ILE A 14 -12.47 -6.34 -3.32
CA ILE A 14 -12.30 -7.28 -2.24
C ILE A 14 -11.53 -6.58 -1.16
N VAL A 15 -10.55 -5.82 -1.62
CA VAL A 15 -9.76 -5.04 -0.73
C VAL A 15 -9.48 -3.70 -1.38
N PHE A 16 -8.92 -2.85 -0.57
CA PHE A 16 -8.48 -1.51 -0.99
C PHE A 16 -7.25 -1.20 -0.15
N TYR A 17 -6.42 -0.24 -0.56
CA TYR A 17 -5.27 0.08 0.17
C TYR A 17 -5.25 1.53 0.39
N GLU A 18 -4.55 1.93 1.39
CA GLU A 18 -4.45 3.30 1.66
C GLU A 18 -2.97 3.63 1.77
N TYR A 19 -2.68 4.89 1.51
CA TYR A 19 -1.32 5.37 1.53
C TYR A 19 -1.03 6.15 2.82
N TYR A 20 0.03 5.76 3.51
CA TYR A 20 0.39 6.44 4.76
C TYR A 20 1.83 6.95 4.70
N GLY A 21 2.07 8.08 5.36
CA GLY A 21 3.38 8.70 5.39
C GLY A 21 4.23 8.06 6.47
N TYR A 22 4.73 6.86 6.22
CA TYR A 22 5.49 6.22 7.25
C TYR A 22 6.78 6.97 7.56
N ALA A 23 7.00 7.17 8.85
CA ALA A 23 8.22 7.81 9.34
C ALA A 23 8.99 6.80 10.19
N GLY A 24 10.21 6.49 9.79
CA GLY A 24 11.03 5.51 10.51
C GLY A 24 10.70 4.09 10.06
N ASP A 25 9.63 3.96 9.27
CA ASP A 25 9.20 2.67 8.74
C ASP A 25 9.06 1.64 9.84
N ARG A 26 8.38 2.05 10.90
CA ARG A 26 8.11 1.20 11.98
C ARG A 26 6.90 1.77 12.70
N HIS A 27 5.78 1.06 12.53
CA HIS A 27 4.44 1.36 13.15
C HIS A 27 4.01 2.85 13.09
N THR A 28 4.82 3.68 12.49
CA THR A 28 4.54 5.11 12.42
C THR A 28 3.55 5.44 11.31
N VAL A 29 2.48 6.12 11.72
CA VAL A 29 1.46 6.57 10.80
C VAL A 29 1.92 7.86 10.14
N GLY A 30 1.18 8.31 9.15
CA GLY A 30 1.52 9.54 8.46
C GLY A 30 0.31 10.09 7.72
N PRO A 31 0.48 11.21 7.09
CA PRO A 31 -0.62 11.85 6.30
C PRO A 31 -0.93 11.04 5.06
N VAL A 32 -2.12 11.21 4.53
CA VAL A 32 -2.52 10.48 3.34
C VAL A 32 -1.79 11.04 2.13
N VAL A 33 -1.46 10.17 1.18
CA VAL A 33 -0.74 10.62 -0.01
C VAL A 33 -1.73 10.76 -1.16
N THR A 34 -1.35 11.56 -2.16
CA THR A 34 -2.22 11.81 -3.29
C THR A 34 -1.56 11.44 -4.62
N LYS A 35 -2.42 11.25 -5.65
CA LYS A 35 -2.06 10.87 -7.03
C LYS A 35 -2.50 9.44 -7.31
N ASP A 36 -2.67 9.13 -8.59
CA ASP A 36 -3.13 7.82 -9.02
C ASP A 36 -2.12 7.14 -9.92
N SER A 37 -2.54 6.07 -10.60
CA SER A 37 -1.66 5.29 -11.47
C SER A 37 -1.07 6.17 -12.57
N SER A 38 -1.69 7.31 -12.81
CA SER A 38 -1.19 8.25 -13.80
C SER A 38 -0.24 9.22 -13.11
N GLY A 39 0.13 8.89 -11.86
CA GLY A 39 1.03 9.69 -11.07
C GLY A 39 2.37 8.96 -10.89
N ASN A 40 2.27 7.71 -10.42
CA ASN A 40 3.46 6.87 -10.21
C ASN A 40 4.45 7.56 -9.30
N TYR A 41 4.02 7.93 -8.10
CA TYR A 41 4.91 8.62 -7.19
C TYR A 41 5.60 7.60 -6.27
N PRO A 42 6.92 7.50 -6.27
CA PRO A 42 7.60 6.52 -5.37
C PRO A 42 7.76 7.04 -3.95
N SER A 43 7.32 6.25 -2.99
CA SER A 43 7.43 6.62 -1.59
C SER A 43 7.57 5.50 -0.71
N PRO A 44 8.33 5.62 0.36
CA PRO A 44 8.37 4.49 1.19
C PRO A 44 7.08 4.58 1.96
N THR A 45 6.16 3.90 1.36
CA THR A 45 4.76 3.84 1.77
C THR A 45 4.31 2.48 2.25
N HIS A 46 3.38 2.54 3.18
CA HIS A 46 2.77 1.35 3.74
C HIS A 46 1.30 1.28 3.29
N ALA A 47 0.90 0.11 2.83
CA ALA A 47 -0.47 -0.07 2.39
C ALA A 47 -1.26 -0.87 3.42
N ARG A 48 -2.46 -0.38 3.76
CA ARG A 48 -3.30 -1.05 4.71
C ARG A 48 -4.47 -1.61 3.96
N ARG A 49 -4.67 -2.89 4.12
CA ARG A 49 -5.73 -3.57 3.42
C ARG A 49 -6.83 -4.03 4.32
N ARG A 50 -8.00 -3.91 3.81
CA ARG A 50 -9.16 -4.39 4.49
C ARG A 50 -10.00 -5.20 3.54
N CYS A 51 -10.84 -6.03 4.07
CA CYS A 51 -11.70 -6.80 3.23
C CYS A 51 -13.03 -6.06 3.14
N ARG A 52 -13.43 -5.77 1.93
CA ARG A 52 -14.66 -5.06 1.68
C ARG A 52 -15.82 -5.79 2.33
N ALA A 53 -15.78 -7.12 2.28
CA ALA A 53 -16.83 -7.93 2.87
C ALA A 53 -16.88 -7.76 4.40
N LEU A 54 -15.78 -7.26 4.97
CA LEU A 54 -15.72 -7.06 6.42
C LEU A 54 -15.91 -5.58 6.79
N SER A 55 -16.50 -5.34 7.95
CA SER A 55 -16.71 -3.99 8.43
C SER A 55 -15.39 -3.40 8.94
N GLN A 56 -15.19 -2.12 8.62
CA GLN A 56 -13.95 -1.42 8.95
C GLN A 56 -13.56 -1.56 10.43
N GLU A 57 -14.55 -1.66 11.31
CA GLU A 57 -14.31 -1.80 12.74
C GLU A 57 -13.85 -3.22 13.10
N ALA A 58 -14.04 -4.17 12.20
CA ALA A 58 -13.61 -5.53 12.45
C ALA A 58 -12.09 -5.54 12.60
N ASP A 59 -11.40 -4.76 11.80
CA ASP A 59 -9.94 -4.71 11.87
C ASP A 59 -9.43 -3.28 11.88
N PRO A 60 -8.30 -3.05 12.49
CA PRO A 60 -7.70 -1.71 12.56
C PRO A 60 -6.92 -1.39 11.30
N GLY A 61 -6.88 -2.37 10.39
CA GLY A 61 -6.10 -2.22 9.20
C GLY A 61 -4.76 -2.93 9.42
N GLU A 62 -4.38 -3.78 8.48
CA GLU A 62 -3.12 -4.52 8.58
C GLU A 62 -2.28 -4.22 7.36
N PHE A 63 -0.99 -4.07 7.59
CA PHE A 63 -0.10 -3.76 6.49
C PHE A 63 0.33 -5.04 5.76
N VAL A 64 0.10 -5.11 4.46
CA VAL A 64 0.49 -6.31 3.70
C VAL A 64 1.60 -6.03 2.69
N ALA A 65 1.92 -4.77 2.47
CA ALA A 65 2.98 -4.45 1.52
C ALA A 65 3.57 -3.06 1.76
N ILE A 66 4.81 -2.90 1.35
CA ILE A 66 5.54 -1.65 1.51
C ILE A 66 6.12 -1.23 0.17
N CYS A 67 6.35 0.05 -0.01
CA CYS A 67 6.87 0.56 -1.26
C CYS A 67 8.24 1.15 -1.02
N TYR A 68 9.11 1.04 -2.01
CA TYR A 68 10.46 1.53 -1.84
C TYR A 68 11.07 1.98 -3.15
N LYS A 69 11.61 3.19 -3.18
CA LYS A 69 12.24 3.65 -4.40
C LYS A 69 13.65 3.06 -4.49
N SER A 70 13.93 2.39 -5.60
CA SER A 70 15.23 1.76 -5.80
C SER A 70 16.30 2.78 -6.18
N GLY A 71 17.40 2.77 -5.44
CA GLY A 71 18.49 3.70 -5.71
C GLY A 71 19.22 3.36 -7.00
N THR A 72 19.11 2.11 -7.43
CA THR A 72 19.81 1.66 -8.65
C THR A 72 18.99 1.87 -9.92
N THR A 73 17.69 1.57 -9.87
CA THR A 73 16.87 1.74 -11.07
C THR A 73 16.04 3.01 -10.98
N GLY A 74 15.77 3.45 -9.75
CA GLY A 74 15.00 4.66 -9.54
C GLY A 74 13.50 4.41 -9.50
N GLU A 75 13.10 3.18 -9.85
CA GLU A 75 11.71 2.81 -9.85
C GLU A 75 11.28 2.33 -8.49
N SER A 76 10.01 2.38 -8.28
CA SER A 76 9.41 1.94 -7.03
C SER A 76 8.55 0.69 -7.25
N HIS A 77 8.55 -0.19 -6.26
CA HIS A 77 7.77 -1.43 -6.37
C HIS A 77 7.27 -1.88 -4.99
N TRP A 78 6.07 -2.46 -4.97
CA TRP A 78 5.51 -2.97 -3.71
C TRP A 78 6.19 -4.29 -3.35
N GLU A 79 6.51 -4.45 -2.06
CA GLU A 79 7.14 -5.68 -1.58
C GLU A 79 6.16 -6.47 -0.72
N TYR A 80 6.01 -7.76 -1.01
CA TYR A 80 5.09 -8.59 -0.26
C TYR A 80 5.78 -9.22 0.95
N TYR A 81 5.49 -8.69 2.13
CA TYR A 81 6.08 -9.20 3.37
C TYR A 81 5.16 -10.22 4.04
N LYS A 82 5.62 -10.83 5.14
CA LYS A 82 4.77 -11.75 5.90
C LYS A 82 4.25 -12.92 5.07
N ASN A 83 4.87 -13.20 3.92
CA ASN A 83 4.37 -14.25 3.04
C ASN A 83 2.90 -13.93 2.70
N ILE A 84 2.50 -12.66 2.87
CA ILE A 84 1.12 -12.18 2.62
C ILE A 84 0.05 -13.21 3.03
N GLY A 85 -0.81 -12.83 3.97
CA GLY A 85 -1.88 -13.73 4.41
C GLY A 85 -3.09 -13.67 3.49
N LYS A 86 -4.13 -14.40 3.88
CA LYS A 86 -5.35 -14.50 3.08
C LYS A 86 -6.52 -13.78 3.73
N CYS A 87 -7.41 -13.23 2.92
CA CYS A 87 -8.57 -12.53 3.45
C CYS A 87 -9.83 -13.36 3.14
N PRO A 88 -10.85 -13.31 3.97
CA PRO A 88 -12.09 -14.12 3.74
C PRO A 88 -12.84 -13.71 2.48
N ASP A 89 -13.39 -14.69 1.78
CA ASP A 89 -14.17 -14.41 0.57
C ASP A 89 -15.56 -13.87 0.91
N PRO A 90 -16.33 -14.51 1.78
CA PRO A 90 -17.69 -14.02 2.16
C PRO A 90 -17.68 -12.53 2.49
N GLY A 1 18.23 9.33 -11.18
CA GLY A 1 17.29 9.51 -12.31
C GLY A 1 15.87 9.62 -11.78
N SER A 2 15.53 8.77 -10.81
CA SER A 2 14.20 8.78 -10.21
C SER A 2 13.14 8.44 -11.25
N GLY A 3 12.43 7.34 -11.03
CA GLY A 3 11.38 6.93 -11.93
C GLY A 3 10.04 6.85 -11.19
N THR A 4 10.14 7.03 -9.86
CA THR A 4 9.01 6.95 -8.95
C THR A 4 8.04 5.86 -9.38
N GLY A 5 6.77 6.18 -9.54
CA GLY A 5 5.79 5.17 -9.94
C GLY A 5 4.98 4.72 -8.74
N CYS A 6 4.58 3.45 -8.75
CA CYS A 6 3.79 2.85 -7.67
C CYS A 6 2.31 3.27 -7.78
N PRO A 7 1.62 2.75 -8.75
CA PRO A 7 0.18 3.08 -8.97
C PRO A 7 -0.66 2.97 -7.68
N PRO A 8 -1.94 3.29 -7.71
CA PRO A 8 -2.83 3.25 -6.50
C PRO A 8 -3.16 1.83 -6.05
N LEU A 9 -2.55 0.82 -6.68
CA LEU A 9 -2.84 -0.57 -6.35
C LEU A 9 -4.29 -0.89 -6.78
N PRO A 10 -4.52 -1.91 -7.56
CA PRO A 10 -5.90 -2.24 -8.04
C PRO A 10 -6.80 -2.81 -6.95
N ASP A 11 -8.10 -2.60 -7.13
CA ASP A 11 -9.09 -3.14 -6.21
C ASP A 11 -9.57 -4.47 -6.79
N ASP A 12 -9.58 -5.53 -5.98
CA ASP A 12 -10.03 -6.83 -6.50
C ASP A 12 -11.28 -7.34 -5.82
N GLY A 13 -11.95 -6.46 -5.12
CA GLY A 13 -13.23 -6.82 -4.51
C GLY A 13 -13.06 -7.72 -3.31
N ILE A 14 -11.84 -7.78 -2.81
CA ILE A 14 -11.54 -8.61 -1.66
C ILE A 14 -10.81 -7.73 -0.70
N VAL A 15 -9.88 -6.97 -1.27
CA VAL A 15 -9.13 -6.04 -0.53
C VAL A 15 -9.00 -4.75 -1.33
N PHE A 16 -8.49 -3.77 -0.66
CA PHE A 16 -8.17 -2.47 -1.26
C PHE A 16 -6.97 -1.93 -0.49
N TYR A 17 -6.27 -0.94 -1.01
CA TYR A 17 -5.14 -0.42 -0.35
C TYR A 17 -5.24 1.04 -0.33
N GLU A 18 -4.55 1.62 0.55
CA GLU A 18 -4.54 3.02 0.63
C GLU A 18 -3.10 3.46 0.65
N TYR A 19 -2.87 4.74 0.47
CA TYR A 19 -1.52 5.26 0.48
C TYR A 19 -1.31 6.15 1.71
N TYR A 20 -0.30 5.80 2.51
CA TYR A 20 0.00 6.57 3.73
C TYR A 20 1.45 7.02 3.78
N GLY A 21 1.67 8.12 4.50
CA GLY A 21 3.01 8.67 4.65
C GLY A 21 3.74 7.86 5.69
N TYR A 22 4.82 7.23 5.31
CA TYR A 22 5.51 6.40 6.28
C TYR A 22 6.25 7.26 7.33
N ALA A 23 5.94 7.04 8.60
CA ALA A 23 6.61 7.79 9.69
C ALA A 23 7.42 6.84 10.58
N GLY A 24 8.75 6.96 10.54
CA GLY A 24 9.63 6.10 11.35
C GLY A 24 9.91 4.77 10.61
N ASP A 25 9.16 4.53 9.55
CA ASP A 25 9.31 3.37 8.70
C ASP A 25 9.09 2.06 9.44
N ARG A 26 8.02 2.05 10.24
CA ARG A 26 7.63 0.87 10.93
C ARG A 26 6.15 1.00 11.30
N HIS A 27 5.34 0.27 10.52
CA HIS A 27 3.83 0.15 10.65
C HIS A 27 3.08 1.48 10.91
N THR A 28 3.79 2.59 10.95
CA THR A 28 3.21 3.88 11.23
C THR A 28 2.64 4.59 10.01
N VAL A 29 1.39 5.03 10.15
CA VAL A 29 0.70 5.76 9.09
C VAL A 29 1.12 7.23 9.14
N GLY A 30 0.77 7.97 8.08
CA GLY A 30 1.11 9.39 8.03
C GLY A 30 0.12 10.14 7.15
N PRO A 31 0.46 11.35 6.77
CA PRO A 31 -0.42 12.19 5.90
C PRO A 31 -0.75 11.50 4.58
N VAL A 32 -1.95 11.75 4.09
CA VAL A 32 -2.40 11.15 2.84
C VAL A 32 -1.72 11.82 1.65
N VAL A 33 -1.32 11.03 0.67
CA VAL A 33 -0.66 11.57 -0.51
C VAL A 33 -1.64 11.58 -1.68
N THR A 34 -1.35 12.40 -2.68
CA THR A 34 -2.22 12.52 -3.84
C THR A 34 -1.51 12.14 -5.13
N LYS A 35 -2.33 11.80 -6.15
CA LYS A 35 -1.91 11.36 -7.50
C LYS A 35 -2.35 9.92 -7.73
N ASP A 36 -2.49 9.57 -9.01
CA ASP A 36 -2.90 8.23 -9.40
C ASP A 36 -1.82 7.59 -10.28
N SER A 37 -2.13 6.45 -10.89
CA SER A 37 -1.16 5.73 -11.71
C SER A 37 -0.66 6.62 -12.84
N SER A 38 -1.52 7.50 -13.29
CA SER A 38 -1.16 8.42 -14.36
C SER A 38 -0.45 9.65 -13.78
N GLY A 39 -0.15 9.59 -12.48
CA GLY A 39 0.55 10.70 -11.83
C GLY A 39 1.73 10.17 -10.99
N ASN A 40 1.82 8.85 -10.89
CA ASN A 40 2.88 8.19 -10.14
C ASN A 40 2.82 8.58 -8.67
N TYR A 41 3.15 7.62 -7.84
CA TYR A 41 3.12 7.80 -6.39
C TYR A 41 4.46 8.24 -5.75
N PRO A 42 4.38 8.73 -4.53
CA PRO A 42 5.53 9.18 -3.68
C PRO A 42 6.38 8.03 -3.13
N SER A 43 7.42 8.42 -2.40
CA SER A 43 8.40 7.54 -1.78
C SER A 43 7.75 6.83 -0.70
N PRO A 44 8.35 5.74 -0.37
CA PRO A 44 7.67 4.68 0.28
C PRO A 44 6.52 5.05 1.14
N THR A 45 5.49 4.66 0.45
CA THR A 45 4.10 4.74 0.83
C THR A 45 3.71 3.48 1.56
N HIS A 46 2.86 3.63 2.54
CA HIS A 46 2.42 2.48 3.30
C HIS A 46 1.00 2.13 2.91
N ALA A 47 0.79 0.87 2.55
CA ALA A 47 -0.54 0.44 2.16
C ALA A 47 -1.18 -0.36 3.26
N ARG A 48 -2.47 -0.14 3.45
CA ARG A 48 -3.20 -0.83 4.45
C ARG A 48 -4.30 -1.58 3.74
N ARG A 49 -4.33 -2.85 4.00
CA ARG A 49 -5.26 -3.72 3.36
C ARG A 49 -6.34 -4.17 4.29
N ARG A 50 -7.53 -4.07 3.79
CA ARG A 50 -8.67 -4.53 4.51
C ARG A 50 -9.46 -5.47 3.68
N CYS A 51 -10.16 -6.34 4.34
CA CYS A 51 -10.99 -7.28 3.64
C CYS A 51 -12.38 -6.68 3.51
N ARG A 52 -12.89 -6.65 2.28
CA ARG A 52 -14.20 -6.05 2.03
C ARG A 52 -15.24 -6.65 2.97
N ALA A 53 -15.12 -7.95 3.21
CA ALA A 53 -16.04 -8.65 4.09
C ALA A 53 -15.94 -8.14 5.53
N LEU A 54 -14.83 -7.49 5.85
CA LEU A 54 -14.62 -6.99 7.23
C LEU A 54 -14.98 -5.52 7.41
N SER A 55 -15.58 -5.22 8.57
CA SER A 55 -15.98 -3.86 8.92
C SER A 55 -14.78 -3.02 9.36
N GLN A 56 -14.84 -1.74 8.99
CA GLN A 56 -13.76 -0.79 9.24
C GLN A 56 -13.36 -0.66 10.72
N GLU A 57 -14.37 -0.69 11.60
CA GLU A 57 -14.15 -0.57 13.04
C GLU A 57 -13.61 -1.86 13.66
N ALA A 58 -13.96 -2.99 13.08
CA ALA A 58 -13.48 -4.28 13.57
C ALA A 58 -12.10 -4.58 13.00
N ASP A 59 -11.44 -3.58 12.43
CA ASP A 59 -10.11 -3.77 11.88
C ASP A 59 -9.30 -2.48 11.92
N PRO A 60 -8.11 -2.50 12.47
CA PRO A 60 -7.27 -1.28 12.55
C PRO A 60 -6.42 -1.12 11.31
N GLY A 61 -6.74 -1.87 10.27
CA GLY A 61 -5.97 -1.76 9.05
C GLY A 61 -4.61 -2.40 9.25
N GLU A 62 -4.33 -3.45 8.48
CA GLU A 62 -3.05 -4.13 8.60
C GLU A 62 -2.27 -3.88 7.33
N PHE A 63 -0.99 -3.63 7.50
CA PHE A 63 -0.14 -3.36 6.36
C PHE A 63 0.35 -4.66 5.73
N VAL A 64 0.09 -4.85 4.44
CA VAL A 64 0.53 -6.07 3.77
C VAL A 64 1.61 -5.78 2.74
N ALA A 65 1.81 -4.52 2.41
CA ALA A 65 2.83 -4.19 1.42
C ALA A 65 3.31 -2.75 1.54
N ILE A 66 4.55 -2.55 1.13
CA ILE A 66 5.19 -1.24 1.16
C ILE A 66 5.73 -0.94 -0.22
N CYS A 67 5.94 0.32 -0.53
CA CYS A 67 6.42 0.69 -1.86
C CYS A 67 7.83 1.23 -1.76
N TYR A 68 8.68 0.80 -2.67
CA TYR A 68 10.06 1.23 -2.65
C TYR A 68 10.52 1.64 -4.03
N LYS A 69 11.38 2.64 -4.07
CA LYS A 69 11.95 3.13 -5.32
C LYS A 69 13.38 2.62 -5.42
N SER A 70 13.67 1.84 -6.45
CA SER A 70 15.00 1.29 -6.62
C SER A 70 15.98 2.38 -7.03
N GLY A 71 17.11 2.44 -6.34
CA GLY A 71 18.13 3.45 -6.66
C GLY A 71 18.80 3.15 -8.00
N THR A 72 18.56 1.95 -8.53
CA THR A 72 19.18 1.57 -9.81
C THR A 72 18.34 2.03 -11.00
N THR A 73 17.04 1.73 -10.99
CA THR A 73 16.18 2.11 -12.12
C THR A 73 15.18 3.20 -11.72
N GLY A 74 14.93 3.33 -10.42
CA GLY A 74 13.98 4.34 -9.93
C GLY A 74 12.54 3.87 -10.02
N GLU A 75 12.35 2.62 -10.46
CA GLU A 75 11.03 2.04 -10.60
C GLU A 75 10.48 1.67 -9.24
N SER A 76 9.29 2.17 -9.01
CA SER A 76 8.58 1.92 -7.75
C SER A 76 7.75 0.64 -7.87
N HIS A 77 7.73 -0.13 -6.77
CA HIS A 77 6.99 -1.40 -6.77
C HIS A 77 6.53 -1.76 -5.35
N TRP A 78 5.34 -2.36 -5.25
CA TRP A 78 4.82 -2.78 -3.95
C TRP A 78 5.53 -4.07 -3.52
N GLU A 79 5.71 -4.26 -2.21
CA GLU A 79 6.37 -5.46 -1.71
C GLU A 79 5.32 -6.46 -1.20
N TYR A 80 5.34 -7.67 -1.75
CA TYR A 80 4.36 -8.69 -1.35
C TYR A 80 4.87 -9.60 -0.24
N TYR A 81 3.99 -9.92 0.70
CA TYR A 81 4.33 -10.82 1.79
C TYR A 81 4.25 -12.26 1.32
N LYS A 82 5.10 -13.12 1.87
CA LYS A 82 5.09 -14.52 1.47
C LYS A 82 3.97 -15.28 2.18
N ASN A 83 3.61 -16.41 1.60
CA ASN A 83 2.56 -17.27 2.14
C ASN A 83 1.21 -16.56 2.19
N ILE A 84 1.08 -15.51 1.37
CA ILE A 84 -0.15 -14.72 1.25
C ILE A 84 -0.86 -14.57 2.62
N GLY A 85 -2.20 -14.65 2.64
CA GLY A 85 -2.95 -14.51 3.88
C GLY A 85 -4.43 -14.77 3.63
N LYS A 86 -5.20 -14.87 4.71
CA LYS A 86 -6.63 -15.19 4.59
C LYS A 86 -7.51 -14.18 5.33
N CYS A 87 -8.68 -13.91 4.76
CA CYS A 87 -9.62 -12.99 5.39
C CYS A 87 -10.86 -13.79 5.85
N PRO A 88 -11.55 -13.35 6.86
CA PRO A 88 -12.75 -14.09 7.39
C PRO A 88 -13.85 -14.25 6.34
N ASP A 89 -14.51 -15.41 6.38
CA ASP A 89 -15.59 -15.69 5.44
C ASP A 89 -16.82 -14.80 5.66
N PRO A 90 -17.32 -14.65 6.88
CA PRO A 90 -18.51 -13.80 7.13
C PRO A 90 -18.16 -12.31 7.11
N GLY A 1 5.86 0.22 -16.06
CA GLY A 1 5.12 0.75 -14.86
C GLY A 1 5.27 2.26 -14.80
N SER A 2 4.70 2.95 -15.79
CA SER A 2 4.76 4.41 -15.85
C SER A 2 6.19 4.90 -15.60
N GLY A 3 6.39 5.76 -14.60
CA GLY A 3 7.72 6.27 -14.31
C GLY A 3 8.22 5.83 -12.94
N THR A 4 7.34 5.25 -12.13
CA THR A 4 7.73 4.79 -10.80
C THR A 4 7.21 3.38 -10.51
N GLY A 5 6.21 2.96 -11.27
CA GLY A 5 5.65 1.62 -11.12
C GLY A 5 4.92 1.44 -9.78
N CYS A 6 4.65 2.54 -9.07
CA CYS A 6 3.99 2.43 -7.77
C CYS A 6 2.67 3.20 -7.75
N PRO A 7 1.66 2.67 -8.38
CA PRO A 7 0.29 3.27 -8.44
C PRO A 7 -0.45 3.17 -7.09
N PRO A 8 -1.63 3.76 -6.95
CA PRO A 8 -2.41 3.70 -5.66
C PRO A 8 -2.96 2.30 -5.37
N LEU A 9 -3.09 1.48 -6.44
CA LEU A 9 -3.65 0.13 -6.34
C LEU A 9 -4.79 0.00 -5.30
N PRO A 10 -5.79 0.86 -5.30
CA PRO A 10 -6.85 0.74 -4.27
C PRO A 10 -7.97 -0.24 -4.64
N ASP A 11 -8.31 -1.10 -3.70
CA ASP A 11 -9.38 -2.09 -3.85
C ASP A 11 -9.20 -2.97 -5.10
N ASP A 12 -9.09 -4.27 -4.86
CA ASP A 12 -8.93 -5.23 -5.93
C ASP A 12 -10.11 -6.20 -5.98
N GLY A 13 -11.16 -5.88 -5.24
CA GLY A 13 -12.34 -6.72 -5.23
C GLY A 13 -12.34 -7.69 -4.05
N ILE A 14 -11.30 -7.62 -3.21
CA ILE A 14 -11.20 -8.53 -2.09
C ILE A 14 -10.54 -7.79 -0.97
N VAL A 15 -9.46 -7.13 -1.33
CA VAL A 15 -8.70 -6.32 -0.43
C VAL A 15 -8.52 -4.97 -1.11
N PHE A 16 -8.04 -3.99 -0.36
CA PHE A 16 -7.78 -2.68 -0.90
C PHE A 16 -6.56 -2.13 -0.17
N TYR A 17 -5.86 -1.13 -0.70
CA TYR A 17 -4.70 -0.63 -0.06
C TYR A 17 -4.78 0.83 -0.03
N GLU A 18 -4.11 1.39 0.88
CA GLU A 18 -4.08 2.80 0.97
C GLU A 18 -2.64 3.22 1.07
N TYR A 19 -2.41 4.48 0.80
CA TYR A 19 -1.07 5.02 0.87
C TYR A 19 -0.92 5.90 2.11
N TYR A 20 0.08 5.58 2.92
CA TYR A 20 0.33 6.33 4.15
C TYR A 20 1.77 6.84 4.19
N GLY A 21 1.95 7.97 4.88
CA GLY A 21 3.26 8.59 5.01
C GLY A 21 4.02 7.91 6.13
N TYR A 22 4.65 6.79 5.87
CA TYR A 22 5.32 6.11 6.95
C TYR A 22 6.52 6.90 7.45
N ALA A 23 6.67 6.85 8.77
CA ALA A 23 7.80 7.47 9.43
C ALA A 23 8.63 6.38 10.13
N GLY A 24 9.82 6.12 9.59
CA GLY A 24 10.71 5.10 10.15
C GLY A 24 10.43 3.69 9.62
N ASP A 25 9.32 3.52 8.89
CA ASP A 25 8.97 2.23 8.32
C ASP A 25 8.83 1.14 9.38
N ARG A 26 7.97 1.43 10.36
CA ARG A 26 7.70 0.53 11.45
C ARG A 26 6.35 0.92 12.06
N HIS A 27 5.33 0.24 11.53
CA HIS A 27 3.91 0.26 11.97
C HIS A 27 3.28 1.67 12.15
N THR A 28 4.11 2.70 12.12
CA THR A 28 3.65 4.07 12.31
C THR A 28 2.97 4.62 11.06
N VAL A 29 1.75 5.09 11.25
CA VAL A 29 0.98 5.69 10.17
C VAL A 29 1.39 7.14 9.99
N GLY A 30 0.85 7.77 8.97
CA GLY A 30 1.16 9.16 8.69
C GLY A 30 0.07 9.81 7.86
N PRO A 31 0.25 11.05 7.50
CA PRO A 31 -0.74 11.81 6.69
C PRO A 31 -0.99 11.14 5.35
N VAL A 32 -2.21 11.31 4.83
CA VAL A 32 -2.57 10.71 3.55
C VAL A 32 -1.88 11.47 2.43
N VAL A 33 -1.54 10.78 1.35
CA VAL A 33 -0.89 11.42 0.23
C VAL A 33 -1.83 11.45 -0.97
N THR A 34 -1.50 12.29 -1.94
CA THR A 34 -2.32 12.43 -3.14
C THR A 34 -1.51 12.12 -4.38
N LYS A 35 -2.20 11.65 -5.44
CA LYS A 35 -1.59 11.32 -6.74
C LYS A 35 -2.36 10.20 -7.44
N ASP A 36 -2.24 10.16 -8.75
CA ASP A 36 -2.90 9.11 -9.53
C ASP A 36 -1.85 8.36 -10.36
N SER A 37 -2.22 7.22 -10.93
CA SER A 37 -1.27 6.40 -11.71
C SER A 37 -0.70 7.19 -12.87
N SER A 38 -1.37 8.28 -13.23
CA SER A 38 -0.89 9.12 -14.30
C SER A 38 -0.01 10.22 -13.74
N GLY A 39 0.39 10.08 -12.46
CA GLY A 39 1.24 11.09 -11.84
C GLY A 39 2.27 10.45 -10.91
N ASN A 40 2.18 9.12 -10.73
CA ASN A 40 3.11 8.41 -9.87
C ASN A 40 2.99 8.89 -8.43
N TYR A 41 3.18 7.96 -7.53
CA TYR A 41 3.06 8.26 -6.10
C TYR A 41 4.37 8.67 -5.41
N PRO A 42 4.25 9.15 -4.17
CA PRO A 42 5.38 9.58 -3.27
C PRO A 42 6.32 8.45 -2.91
N SER A 43 7.34 8.80 -2.12
CA SER A 43 8.41 7.94 -1.68
C SER A 43 7.87 7.02 -0.69
N PRO A 44 8.58 5.94 -0.56
CA PRO A 44 8.04 4.76 -0.03
C PRO A 44 7.01 4.84 1.03
N THR A 45 5.88 4.61 0.40
CA THR A 45 4.57 4.53 0.98
C THR A 45 4.30 3.16 1.52
N HIS A 46 3.41 3.11 2.48
CA HIS A 46 3.03 1.86 3.09
C HIS A 46 1.59 1.53 2.76
N ALA A 47 1.32 0.26 2.52
CA ALA A 47 -0.04 -0.16 2.17
C ALA A 47 -0.73 -0.87 3.33
N ARG A 48 -1.99 -0.48 3.59
CA ARG A 48 -2.78 -1.09 4.62
C ARG A 48 -3.88 -1.88 3.94
N ARG A 49 -3.87 -3.14 4.22
CA ARG A 49 -4.80 -4.05 3.61
C ARG A 49 -5.91 -4.51 4.53
N ARG A 50 -7.09 -4.33 4.04
CA ARG A 50 -8.28 -4.80 4.68
C ARG A 50 -9.09 -5.51 3.62
N CYS A 51 -10.03 -6.35 4.01
CA CYS A 51 -10.85 -6.99 3.01
C CYS A 51 -12.11 -6.17 2.83
N ARG A 52 -12.38 -5.73 1.57
CA ARG A 52 -13.55 -4.88 1.29
C ARG A 52 -13.63 -3.78 2.35
N ALA A 53 -12.45 -3.35 2.76
CA ALA A 53 -12.26 -2.32 3.78
C ALA A 53 -12.80 -2.74 5.16
N LEU A 54 -13.72 -3.71 5.22
CA LEU A 54 -14.25 -4.17 6.50
C LEU A 54 -14.84 -2.99 7.28
N SER A 55 -15.61 -3.27 8.32
CA SER A 55 -16.14 -2.17 9.10
C SER A 55 -15.03 -1.62 10.00
N GLN A 56 -14.86 -0.31 9.97
CA GLN A 56 -13.77 0.35 10.68
C GLN A 56 -13.64 -0.07 12.16
N GLU A 57 -14.75 -0.46 12.77
CA GLU A 57 -14.74 -0.90 14.16
C GLU A 57 -14.17 -2.31 14.32
N ALA A 58 -14.17 -3.10 13.26
CA ALA A 58 -13.63 -4.46 13.34
C ALA A 58 -12.11 -4.46 13.21
N ASP A 59 -11.57 -3.95 12.10
CA ASP A 59 -10.12 -3.98 11.91
C ASP A 59 -9.55 -2.61 11.54
N PRO A 60 -8.45 -2.23 12.16
CA PRO A 60 -7.78 -0.91 11.91
C PRO A 60 -6.99 -0.88 10.61
N GLY A 61 -6.81 -2.05 10.03
CA GLY A 61 -6.01 -2.15 8.84
C GLY A 61 -4.65 -2.75 9.20
N GLU A 62 -4.25 -3.77 8.45
CA GLU A 62 -2.98 -4.44 8.66
C GLU A 62 -2.10 -4.16 7.48
N PHE A 63 -0.83 -3.92 7.72
CA PHE A 63 0.08 -3.64 6.63
C PHE A 63 0.58 -4.93 6.01
N VAL A 64 0.37 -5.12 4.71
CA VAL A 64 0.83 -6.34 4.06
C VAL A 64 1.88 -6.06 3.00
N ALA A 65 2.05 -4.79 2.63
CA ALA A 65 3.04 -4.44 1.61
C ALA A 65 3.48 -2.99 1.71
N ILE A 66 4.69 -2.74 1.24
CA ILE A 66 5.29 -1.40 1.24
C ILE A 66 5.90 -1.15 -0.13
N CYS A 67 6.08 0.11 -0.50
CA CYS A 67 6.62 0.42 -1.82
C CYS A 67 8.00 1.02 -1.66
N TYR A 68 9.02 0.38 -2.20
CA TYR A 68 10.38 0.88 -2.07
C TYR A 68 10.96 1.37 -3.39
N LYS A 69 11.46 2.60 -3.37
CA LYS A 69 12.07 3.19 -4.55
C LYS A 69 13.54 2.78 -4.56
N SER A 70 14.04 2.32 -5.70
CA SER A 70 15.42 1.89 -5.78
C SER A 70 16.34 3.06 -6.12
N GLY A 71 17.41 3.23 -5.34
CA GLY A 71 18.34 4.30 -5.58
C GLY A 71 19.15 4.06 -6.87
N THR A 72 19.22 2.80 -7.28
CA THR A 72 19.98 2.46 -8.48
C THR A 72 19.11 2.49 -9.74
N THR A 73 17.92 1.89 -9.68
CA THR A 73 17.04 1.87 -10.85
C THR A 73 16.11 3.08 -10.86
N GLY A 74 15.79 3.56 -9.66
CA GLY A 74 14.91 4.72 -9.51
C GLY A 74 13.45 4.31 -9.53
N GLU A 75 13.18 3.04 -9.83
CA GLU A 75 11.84 2.52 -9.91
C GLU A 75 11.34 2.14 -8.53
N SER A 76 10.04 2.27 -8.40
CA SER A 76 9.34 1.94 -7.17
C SER A 76 8.47 0.69 -7.39
N HIS A 77 8.35 -0.14 -6.38
CA HIS A 77 7.55 -1.36 -6.50
C HIS A 77 6.98 -1.78 -5.15
N TRP A 78 5.82 -2.44 -5.17
CA TRP A 78 5.22 -2.91 -3.92
C TRP A 78 5.91 -4.21 -3.50
N GLU A 79 6.06 -4.40 -2.19
CA GLU A 79 6.70 -5.60 -1.64
C GLU A 79 5.67 -6.49 -0.96
N TYR A 80 5.62 -7.76 -1.36
CA TYR A 80 4.67 -8.70 -0.76
C TYR A 80 5.25 -9.38 0.47
N TYR A 81 4.55 -9.28 1.59
CA TYR A 81 5.00 -9.91 2.83
C TYR A 81 4.63 -11.38 2.86
N LYS A 82 5.46 -12.19 3.49
CA LYS A 82 5.17 -13.61 3.61
C LYS A 82 4.23 -13.87 4.77
N ASN A 83 3.66 -15.06 4.81
CA ASN A 83 2.74 -15.45 5.88
C ASN A 83 1.52 -14.53 5.98
N ILE A 84 0.90 -14.25 4.84
CA ILE A 84 -0.28 -13.40 4.82
C ILE A 84 -1.55 -14.23 5.00
N GLY A 85 -2.65 -13.58 5.38
CA GLY A 85 -3.90 -14.29 5.61
C GLY A 85 -4.88 -14.10 4.46
N LYS A 86 -5.98 -14.85 4.50
CA LYS A 86 -6.98 -14.84 3.43
C LYS A 86 -8.39 -14.57 3.95
N CYS A 87 -9.20 -13.91 3.12
CA CYS A 87 -10.58 -13.61 3.49
C CYS A 87 -11.51 -14.48 2.64
N PRO A 88 -12.71 -14.77 3.10
CA PRO A 88 -13.66 -15.65 2.37
C PRO A 88 -14.15 -15.05 1.06
N ASP A 89 -14.42 -15.92 0.09
CA ASP A 89 -14.90 -15.48 -1.22
C ASP A 89 -13.87 -14.60 -1.89
N PRO A 90 -12.72 -15.15 -2.20
CA PRO A 90 -11.61 -14.41 -2.86
C PRO A 90 -11.97 -14.00 -4.29
N GLY A 1 7.15 -0.93 -17.09
CA GLY A 1 7.35 -0.23 -18.39
C GLY A 1 7.40 1.27 -18.15
N SER A 2 6.35 1.97 -18.56
CA SER A 2 6.29 3.41 -18.39
C SER A 2 5.26 3.78 -17.32
N GLY A 3 5.71 4.51 -16.31
CA GLY A 3 4.83 4.91 -15.22
C GLY A 3 5.02 3.96 -14.05
N THR A 4 3.98 3.14 -13.85
CA THR A 4 3.91 2.17 -12.75
C THR A 4 4.52 2.74 -11.47
N GLY A 5 5.76 2.40 -11.15
CA GLY A 5 6.36 2.92 -9.93
C GLY A 5 5.54 2.49 -8.71
N CYS A 6 5.18 3.45 -7.87
CA CYS A 6 4.41 3.13 -6.67
C CYS A 6 3.08 3.89 -6.70
N PRO A 7 2.10 3.37 -7.42
CA PRO A 7 0.76 4.00 -7.54
C PRO A 7 0.07 4.10 -6.18
N PRO A 8 -1.06 4.76 -6.10
CA PRO A 8 -1.78 4.91 -4.80
C PRO A 8 -2.36 3.57 -4.32
N LEU A 9 -2.24 2.53 -5.16
CA LEU A 9 -2.80 1.19 -4.87
C LEU A 9 -4.28 1.18 -5.25
N PRO A 10 -4.65 0.64 -6.40
CA PRO A 10 -6.07 0.63 -6.86
C PRO A 10 -7.00 -0.29 -6.06
N ASP A 11 -8.29 -0.03 -6.21
CA ASP A 11 -9.33 -0.85 -5.58
C ASP A 11 -9.70 -1.98 -6.53
N ASP A 12 -9.78 -3.22 -6.02
CA ASP A 12 -10.12 -4.35 -6.88
C ASP A 12 -11.41 -5.03 -6.48
N GLY A 13 -12.19 -4.37 -5.65
CA GLY A 13 -13.48 -4.90 -5.28
C GLY A 13 -13.40 -6.03 -4.28
N ILE A 14 -12.22 -6.20 -3.70
CA ILE A 14 -12.00 -7.26 -2.73
C ILE A 14 -11.29 -6.66 -1.57
N VAL A 15 -10.35 -5.80 -1.90
CA VAL A 15 -9.60 -5.10 -0.92
C VAL A 15 -9.38 -3.69 -1.46
N PHE A 16 -8.81 -2.88 -0.60
CA PHE A 16 -8.41 -1.52 -0.94
C PHE A 16 -7.22 -1.21 -0.07
N TYR A 17 -6.46 -0.18 -0.36
CA TYR A 17 -5.32 0.14 0.41
C TYR A 17 -5.33 1.59 0.65
N GLU A 18 -4.58 1.98 1.62
CA GLU A 18 -4.49 3.37 1.91
C GLU A 18 -3.02 3.74 1.89
N TYR A 19 -2.76 4.95 1.46
CA TYR A 19 -1.39 5.42 1.33
C TYR A 19 -1.04 6.34 2.50
N TYR A 20 -0.01 5.95 3.24
CA TYR A 20 0.44 6.73 4.40
C TYR A 20 1.92 7.08 4.28
N GLY A 21 2.33 8.15 4.98
CA GLY A 21 3.70 8.61 4.94
C GLY A 21 4.55 7.87 5.94
N TYR A 22 5.29 6.87 5.50
CA TYR A 22 6.09 6.14 6.43
C TYR A 22 7.22 7.03 6.95
N ALA A 23 7.24 7.30 8.26
CA ALA A 23 8.30 8.13 8.83
C ALA A 23 9.14 7.37 9.86
N GLY A 24 10.18 6.70 9.39
CA GLY A 24 11.10 5.98 10.27
C GLY A 24 10.40 5.15 11.34
N ASP A 25 9.17 4.69 11.09
CA ASP A 25 8.47 3.91 12.09
C ASP A 25 7.26 3.29 11.49
N ARG A 26 7.15 2.02 11.80
CA ARG A 26 6.12 1.22 11.29
C ARG A 26 4.79 1.54 11.90
N HIS A 27 3.85 1.07 11.15
CA HIS A 27 2.40 1.15 11.40
C HIS A 27 1.90 2.55 11.77
N THR A 28 2.79 3.54 11.68
CA THR A 28 2.46 4.91 12.04
C THR A 28 1.76 5.63 10.90
N VAL A 29 0.63 6.23 11.23
CA VAL A 29 -0.14 6.97 10.24
C VAL A 29 0.47 8.35 10.07
N GLY A 30 1.03 8.58 8.89
CA GLY A 30 1.66 9.86 8.60
C GLY A 30 0.80 10.68 7.66
N PRO A 31 1.31 11.81 7.25
CA PRO A 31 0.58 12.72 6.32
C PRO A 31 0.25 12.03 5.01
N VAL A 32 -0.94 12.28 4.49
CA VAL A 32 -1.35 11.68 3.24
C VAL A 32 -0.67 12.41 2.09
N VAL A 33 -0.34 11.68 1.04
CA VAL A 33 0.32 12.28 -0.12
C VAL A 33 -0.70 12.47 -1.24
N THR A 34 -0.42 13.40 -2.15
CA THR A 34 -1.33 13.69 -3.24
C THR A 34 -0.83 13.17 -4.58
N LYS A 35 -1.76 12.78 -5.44
CA LYS A 35 -1.41 12.18 -6.72
C LYS A 35 -0.52 13.09 -7.58
N ASP A 36 0.47 12.46 -8.24
CA ASP A 36 1.37 13.20 -9.12
C ASP A 36 0.69 13.42 -10.45
N SER A 37 1.35 14.14 -11.34
CA SER A 37 0.75 14.41 -12.64
C SER A 37 0.51 13.11 -13.39
N SER A 38 1.45 12.16 -13.24
CA SER A 38 1.35 10.87 -13.90
C SER A 38 0.90 9.79 -12.90
N GLY A 39 0.88 10.13 -11.61
CA GLY A 39 0.43 9.19 -10.59
C GLY A 39 1.49 8.14 -10.24
N ASN A 40 2.74 8.41 -10.64
CA ASN A 40 3.85 7.48 -10.36
C ASN A 40 4.80 8.09 -9.33
N TYR A 41 4.34 8.29 -8.10
CA TYR A 41 5.24 8.85 -7.08
C TYR A 41 5.92 7.72 -6.30
N PRO A 42 7.23 7.61 -6.33
CA PRO A 42 7.87 6.53 -5.53
C PRO A 42 8.05 6.94 -4.07
N SER A 43 7.51 6.15 -3.17
CA SER A 43 7.66 6.41 -1.75
C SER A 43 7.57 5.22 -0.96
N PRO A 44 8.35 5.05 0.08
CA PRO A 44 8.15 3.86 0.80
C PRO A 44 6.82 4.05 1.47
N THR A 45 5.91 3.50 0.75
CA THR A 45 4.49 3.58 1.03
C THR A 45 3.99 2.34 1.75
N HIS A 46 3.17 2.59 2.75
CA HIS A 46 2.59 1.53 3.53
C HIS A 46 1.11 1.41 3.21
N ALA A 47 0.71 0.24 2.76
CA ALA A 47 -0.69 0.01 2.42
C ALA A 47 -1.37 -0.85 3.48
N ARG A 48 -2.55 -0.42 3.91
CA ARG A 48 -3.32 -1.16 4.87
C ARG A 48 -4.48 -1.74 4.11
N ARG A 49 -4.62 -3.02 4.23
CA ARG A 49 -5.61 -3.75 3.47
C ARG A 49 -6.72 -4.31 4.31
N ARG A 50 -7.89 -4.14 3.78
CA ARG A 50 -9.06 -4.68 4.39
C ARG A 50 -9.81 -5.48 3.37
N CYS A 51 -10.57 -6.44 3.81
CA CYS A 51 -11.37 -7.19 2.87
C CYS A 51 -12.75 -6.58 2.82
N ARG A 52 -13.15 -6.18 1.62
CA ARG A 52 -14.44 -5.54 1.40
C ARG A 52 -15.55 -6.46 1.88
N ALA A 53 -15.40 -7.76 1.65
CA ALA A 53 -16.39 -8.72 2.07
C ALA A 53 -16.50 -8.73 3.61
N LEU A 54 -15.46 -8.22 4.27
CA LEU A 54 -15.45 -8.17 5.73
C LEU A 54 -15.72 -6.75 6.22
N SER A 55 -16.27 -6.62 7.42
CA SER A 55 -16.53 -5.30 7.98
C SER A 55 -15.22 -4.65 8.45
N GLN A 56 -15.09 -3.36 8.16
CA GLN A 56 -13.87 -2.60 8.45
C GLN A 56 -13.40 -2.73 9.90
N GLU A 57 -14.34 -2.89 10.82
CA GLU A 57 -14.02 -3.04 12.24
C GLU A 57 -13.48 -4.43 12.55
N ALA A 58 -13.79 -5.41 11.72
CA ALA A 58 -13.27 -6.76 11.94
C ALA A 58 -11.75 -6.73 11.74
N ASP A 59 -11.27 -6.01 10.74
CA ASP A 59 -9.83 -5.97 10.47
C ASP A 59 -9.17 -4.78 11.14
N PRO A 60 -8.10 -4.99 11.88
CA PRO A 60 -7.35 -3.90 12.53
C PRO A 60 -6.35 -3.28 11.58
N GLY A 61 -6.55 -3.55 10.30
CA GLY A 61 -5.67 -3.02 9.29
C GLY A 61 -4.31 -3.67 9.37
N GLU A 62 -3.99 -4.51 8.39
CA GLU A 62 -2.71 -5.17 8.36
C GLU A 62 -2.02 -4.81 7.08
N PHE A 63 -0.73 -4.60 7.17
CA PHE A 63 0.02 -4.21 6.00
C PHE A 63 0.39 -5.44 5.20
N VAL A 64 0.03 -5.45 3.93
CA VAL A 64 0.32 -6.58 3.05
C VAL A 64 1.42 -6.24 2.05
N ALA A 65 1.73 -4.97 1.89
CA ALA A 65 2.78 -4.60 0.97
C ALA A 65 3.38 -3.25 1.31
N ILE A 66 4.65 -3.10 0.95
CA ILE A 66 5.41 -1.88 1.18
C ILE A 66 6.09 -1.47 -0.11
N CYS A 67 6.42 -0.19 -0.23
CA CYS A 67 7.06 0.30 -1.44
C CYS A 67 8.48 0.72 -1.09
N TYR A 68 9.34 0.73 -2.08
CA TYR A 68 10.71 1.12 -1.86
C TYR A 68 11.31 1.69 -3.13
N LYS A 69 11.82 2.90 -3.07
CA LYS A 69 12.42 3.48 -4.26
C LYS A 69 13.87 2.99 -4.37
N SER A 70 14.23 2.51 -5.56
CA SER A 70 15.58 1.99 -5.79
C SER A 70 16.56 3.12 -6.05
N GLY A 71 17.67 3.12 -5.33
CA GLY A 71 18.69 4.14 -5.50
C GLY A 71 19.40 4.01 -6.85
N THR A 72 19.37 2.80 -7.40
CA THR A 72 20.04 2.53 -8.67
C THR A 72 19.14 2.84 -9.88
N THR A 73 17.92 2.30 -9.88
CA THR A 73 17.02 2.53 -11.01
C THR A 73 16.14 3.75 -10.77
N GLY A 74 15.87 4.05 -9.50
CA GLY A 74 15.05 5.20 -9.16
C GLY A 74 13.56 4.84 -9.14
N GLU A 75 13.23 3.62 -9.60
CA GLU A 75 11.87 3.18 -9.65
C GLU A 75 11.46 2.56 -8.32
N SER A 76 10.17 2.53 -8.15
CA SER A 76 9.57 1.98 -6.96
C SER A 76 8.71 0.76 -7.28
N HIS A 77 8.65 -0.17 -6.32
CA HIS A 77 7.87 -1.40 -6.53
C HIS A 77 7.32 -1.94 -5.21
N TRP A 78 6.12 -2.51 -5.25
CA TRP A 78 5.52 -3.09 -4.05
C TRP A 78 6.20 -4.42 -3.74
N GLU A 79 6.46 -4.65 -2.45
CA GLU A 79 7.08 -5.90 -2.00
C GLU A 79 6.08 -6.68 -1.15
N TYR A 80 5.80 -7.93 -1.52
CA TYR A 80 4.82 -8.73 -0.78
C TYR A 80 5.47 -9.56 0.34
N TYR A 81 5.28 -9.12 1.57
CA TYR A 81 5.76 -9.88 2.72
C TYR A 81 4.70 -9.92 3.82
N LYS A 82 4.04 -11.07 4.03
CA LYS A 82 3.01 -11.13 5.07
C LYS A 82 2.37 -12.53 5.23
N ASN A 83 2.67 -13.46 4.32
CA ASN A 83 2.05 -14.78 4.42
C ASN A 83 0.54 -14.57 4.44
N ILE A 84 0.05 -13.73 3.54
CA ILE A 84 -1.39 -13.50 3.47
C ILE A 84 -1.98 -14.55 2.53
N GLY A 85 -3.20 -14.97 2.83
CA GLY A 85 -3.84 -15.99 2.01
C GLY A 85 -5.34 -16.05 2.26
N LYS A 86 -5.73 -15.86 3.52
CA LYS A 86 -7.13 -15.97 3.91
C LYS A 86 -7.61 -14.75 4.67
N CYS A 87 -8.87 -14.38 4.50
CA CYS A 87 -9.42 -13.24 5.22
C CYS A 87 -10.47 -13.75 6.22
N PRO A 88 -10.73 -13.03 7.29
CA PRO A 88 -11.70 -13.46 8.34
C PRO A 88 -13.12 -13.66 7.80
N ASP A 89 -13.83 -14.60 8.41
CA ASP A 89 -15.21 -14.88 8.00
C ASP A 89 -15.31 -15.04 6.48
N PRO A 90 -14.64 -16.02 5.94
CA PRO A 90 -14.66 -16.29 4.48
C PRO A 90 -15.99 -16.86 4.01
N GLY A 1 7.38 7.78 -16.07
CA GLY A 1 6.47 6.69 -15.62
C GLY A 1 6.72 5.44 -16.45
N SER A 2 7.95 4.92 -16.39
CA SER A 2 8.30 3.73 -17.15
C SER A 2 8.40 2.52 -16.22
N GLY A 3 7.65 1.48 -16.55
CA GLY A 3 7.64 0.27 -15.72
C GLY A 3 6.62 0.44 -14.58
N THR A 4 5.68 1.36 -14.65
CA THR A 4 4.70 1.55 -13.58
C THR A 4 5.32 1.52 -12.17
N GLY A 5 5.58 2.70 -11.63
CA GLY A 5 6.18 2.82 -10.30
C GLY A 5 5.26 2.22 -9.23
N CYS A 6 4.79 3.08 -8.32
CA CYS A 6 3.93 2.62 -7.25
C CYS A 6 2.55 3.26 -7.37
N PRO A 7 1.71 2.69 -8.21
CA PRO A 7 0.33 3.21 -8.40
C PRO A 7 -0.37 3.42 -7.06
N PRO A 8 -1.54 4.01 -7.07
CA PRO A 8 -2.28 4.28 -5.81
C PRO A 8 -2.83 2.99 -5.18
N LEU A 9 -2.58 1.84 -5.80
CA LEU A 9 -3.12 0.58 -5.30
C LEU A 9 -4.64 0.63 -5.31
N PRO A 10 -5.22 0.65 -6.48
CA PRO A 10 -6.71 0.74 -6.68
C PRO A 10 -7.51 -0.46 -6.17
N ASP A 11 -8.63 -0.15 -5.52
CA ASP A 11 -9.49 -1.19 -4.95
C ASP A 11 -9.77 -2.27 -6.00
N ASP A 12 -9.77 -3.54 -5.59
CA ASP A 12 -9.99 -4.63 -6.53
C ASP A 12 -11.26 -5.41 -6.25
N GLY A 13 -12.12 -4.88 -5.42
CA GLY A 13 -13.39 -5.54 -5.15
C GLY A 13 -13.28 -6.62 -4.10
N ILE A 14 -12.09 -6.73 -3.50
CA ILE A 14 -11.85 -7.75 -2.50
C ILE A 14 -11.07 -7.09 -1.42
N VAL A 15 -10.05 -6.36 -1.85
CA VAL A 15 -9.23 -5.62 -0.96
C VAL A 15 -8.98 -4.24 -1.57
N PHE A 16 -8.38 -3.40 -0.77
CA PHE A 16 -7.96 -2.07 -1.15
C PHE A 16 -6.75 -1.75 -0.29
N TYR A 17 -5.98 -0.73 -0.62
CA TYR A 17 -4.84 -0.42 0.14
C TYR A 17 -4.86 1.03 0.39
N GLU A 18 -4.14 1.42 1.37
CA GLU A 18 -4.05 2.81 1.66
C GLU A 18 -2.59 3.16 1.73
N TYR A 19 -2.27 4.37 1.33
CA TYR A 19 -0.87 4.79 1.35
C TYR A 19 -0.61 5.74 2.52
N TYR A 20 0.38 5.36 3.32
CA TYR A 20 0.74 6.14 4.49
C TYR A 20 2.19 6.54 4.49
N GLY A 21 2.47 7.57 5.28
CA GLY A 21 3.79 8.11 5.39
C GLY A 21 4.55 7.38 6.44
N TYR A 22 5.75 6.99 6.17
CA TYR A 22 6.45 6.28 7.22
C TYR A 22 6.67 7.23 8.39
N ALA A 23 5.93 6.98 9.47
CA ALA A 23 6.02 7.82 10.66
C ALA A 23 6.46 7.06 11.92
N GLY A 24 7.76 7.03 12.14
CA GLY A 24 8.32 6.44 13.35
C GLY A 24 7.74 5.08 13.80
N ASP A 25 7.71 4.05 12.93
CA ASP A 25 7.23 2.70 13.29
C ASP A 25 5.87 2.42 12.78
N ARG A 26 5.79 1.60 11.75
CA ARG A 26 4.51 1.32 11.17
C ARG A 26 4.02 2.64 10.61
N HIS A 27 3.66 2.64 9.38
CA HIS A 27 3.19 3.89 8.79
C HIS A 27 1.73 4.10 9.18
N THR A 28 1.45 3.87 10.48
CA THR A 28 0.10 4.03 11.02
C THR A 28 -0.27 5.51 11.08
N VAL A 29 -1.35 5.82 10.37
CA VAL A 29 -1.90 7.17 10.25
C VAL A 29 -0.81 8.23 10.35
N GLY A 30 0.17 8.12 9.46
CA GLY A 30 1.25 9.09 9.41
C GLY A 30 0.97 10.08 8.30
N PRO A 31 1.95 10.84 7.89
CA PRO A 31 1.75 11.83 6.80
C PRO A 31 1.23 11.15 5.54
N VAL A 32 0.28 11.78 4.87
CA VAL A 32 -0.30 11.20 3.66
C VAL A 32 0.35 11.79 2.41
N VAL A 33 0.45 10.96 1.38
CA VAL A 33 1.05 11.40 0.12
C VAL A 33 -0.05 11.52 -0.95
N THR A 34 0.18 12.38 -1.94
CA THR A 34 -0.83 12.59 -2.96
C THR A 34 -0.44 11.99 -4.31
N LYS A 35 -1.45 11.57 -5.06
CA LYS A 35 -1.24 10.94 -6.36
C LYS A 35 -0.60 11.91 -7.35
N ASP A 36 0.32 11.40 -8.17
CA ASP A 36 0.97 12.23 -9.17
C ASP A 36 0.12 12.30 -10.42
N SER A 37 0.64 12.93 -11.46
CA SER A 37 -0.11 13.07 -12.70
C SER A 37 -0.40 11.73 -13.37
N SER A 38 0.57 10.82 -13.30
CA SER A 38 0.44 9.50 -13.90
C SER A 38 -0.03 8.47 -12.87
N GLY A 39 -0.09 8.88 -11.60
CA GLY A 39 -0.55 7.97 -10.55
C GLY A 39 0.57 7.10 -9.96
N ASN A 40 1.76 7.15 -10.58
CA ASN A 40 2.89 6.33 -10.10
C ASN A 40 3.93 7.18 -9.36
N TYR A 41 3.61 7.66 -8.17
CA TYR A 41 4.55 8.47 -7.43
C TYR A 41 5.41 7.56 -6.55
N PRO A 42 6.74 7.57 -6.64
CA PRO A 42 7.52 6.65 -5.79
C PRO A 42 7.70 7.18 -4.36
N SER A 43 7.28 6.39 -3.39
CA SER A 43 7.45 6.74 -1.98
C SER A 43 7.52 5.60 -1.12
N PRO A 44 8.35 5.62 -0.08
CA PRO A 44 8.33 4.47 0.73
C PRO A 44 7.02 4.55 1.47
N THR A 45 6.15 3.84 0.86
CA THR A 45 4.75 3.76 1.23
C THR A 45 4.33 2.41 1.76
N HIS A 46 3.48 2.45 2.77
CA HIS A 46 2.93 1.22 3.34
C HIS A 46 1.49 1.02 2.85
N ALA A 47 1.20 -0.19 2.44
CA ALA A 47 -0.15 -0.52 1.99
C ALA A 47 -0.86 -1.35 3.04
N ARG A 48 -2.03 -0.89 3.51
CA ARG A 48 -2.77 -1.61 4.50
C ARG A 48 -3.97 -2.20 3.80
N ARG A 49 -4.13 -3.49 3.93
CA ARG A 49 -5.21 -4.17 3.25
C ARG A 49 -6.28 -4.68 4.17
N ARG A 50 -7.46 -4.51 3.69
CA ARG A 50 -8.63 -5.01 4.35
C ARG A 50 -9.45 -5.74 3.33
N CYS A 51 -10.38 -6.54 3.78
CA CYS A 51 -11.26 -7.20 2.83
C CYS A 51 -12.55 -6.38 2.76
N ARG A 52 -12.87 -5.84 1.54
CA ARG A 52 -14.06 -4.97 1.37
C ARG A 52 -14.21 -4.08 2.60
N ALA A 53 -13.06 -3.67 3.12
CA ALA A 53 -12.93 -2.84 4.31
C ALA A 53 -13.54 -3.49 5.57
N LEU A 54 -14.43 -4.49 5.42
CA LEU A 54 -15.07 -5.18 6.54
C LEU A 54 -15.60 -4.14 7.55
N SER A 55 -16.26 -4.57 8.62
CA SER A 55 -16.71 -3.57 9.57
C SER A 55 -15.51 -3.14 10.43
N GLN A 56 -15.31 -1.84 10.54
CA GLN A 56 -14.12 -1.28 11.22
C GLN A 56 -13.82 -1.88 12.60
N GLU A 57 -14.83 -2.41 13.29
CA GLU A 57 -14.59 -3.02 14.59
C GLU A 57 -13.97 -4.42 14.46
N ALA A 58 -13.88 -4.94 13.24
CA ALA A 58 -13.30 -6.26 13.03
C ALA A 58 -11.77 -6.19 12.85
N ASP A 59 -11.29 -5.50 11.82
CA ASP A 59 -9.84 -5.44 11.57
C ASP A 59 -9.31 -4.01 11.48
N PRO A 60 -8.13 -3.78 12.00
CA PRO A 60 -7.47 -2.45 11.98
C PRO A 60 -6.68 -2.21 10.70
N GLY A 61 -6.61 -3.25 9.88
CA GLY A 61 -5.81 -3.20 8.69
C GLY A 61 -4.44 -3.81 8.96
N GLU A 62 -3.99 -4.60 8.01
CA GLU A 62 -2.70 -5.27 8.10
C GLU A 62 -1.87 -4.87 6.91
N PHE A 63 -0.59 -4.68 7.12
CA PHE A 63 0.28 -4.29 6.02
C PHE A 63 0.73 -5.53 5.25
N VAL A 64 0.45 -5.59 3.96
CA VAL A 64 0.85 -6.75 3.16
C VAL A 64 1.93 -6.38 2.15
N ALA A 65 2.18 -5.09 1.95
CA ALA A 65 3.20 -4.68 1.00
C ALA A 65 3.71 -3.28 1.28
N ILE A 66 4.96 -3.06 0.88
CA ILE A 66 5.62 -1.77 1.06
C ILE A 66 6.20 -1.32 -0.27
N CYS A 67 6.39 -0.03 -0.42
CA CYS A 67 6.92 0.52 -1.66
C CYS A 67 8.27 1.12 -1.40
N TYR A 68 9.13 1.08 -2.40
CA TYR A 68 10.47 1.61 -2.25
C TYR A 68 11.00 2.10 -3.58
N LYS A 69 11.46 3.34 -3.63
CA LYS A 69 12.00 3.87 -4.87
C LYS A 69 13.45 3.39 -5.01
N SER A 70 13.82 2.96 -6.21
CA SER A 70 15.17 2.46 -6.46
C SER A 70 16.11 3.58 -6.85
N GLY A 71 17.25 3.65 -6.16
CA GLY A 71 18.25 4.67 -6.45
C GLY A 71 18.92 4.42 -7.79
N THR A 72 18.86 3.17 -8.27
CA THR A 72 19.52 2.81 -9.52
C THR A 72 18.59 2.99 -10.74
N THR A 73 17.32 2.63 -10.63
CA THR A 73 16.41 2.77 -11.76
C THR A 73 15.48 3.96 -11.57
N GLY A 74 15.24 4.31 -10.31
CA GLY A 74 14.39 5.46 -10.00
C GLY A 74 12.91 5.08 -9.90
N GLU A 75 12.58 3.83 -10.27
CA GLU A 75 11.22 3.36 -10.24
C GLU A 75 10.88 2.82 -8.86
N SER A 76 9.60 2.78 -8.62
CA SER A 76 9.07 2.28 -7.37
C SER A 76 8.26 1.01 -7.59
N HIS A 77 8.31 0.10 -6.63
CA HIS A 77 7.56 -1.14 -6.75
C HIS A 77 7.08 -1.62 -5.39
N TRP A 78 6.02 -2.44 -5.40
CA TRP A 78 5.49 -2.98 -4.15
C TRP A 78 6.21 -4.30 -3.84
N GLU A 79 6.50 -4.52 -2.57
CA GLU A 79 7.17 -5.73 -2.13
C GLU A 79 6.18 -6.62 -1.39
N TYR A 80 6.03 -7.86 -1.83
CA TYR A 80 5.10 -8.78 -1.18
C TYR A 80 5.78 -9.51 -0.03
N TYR A 81 5.20 -9.39 1.16
CA TYR A 81 5.76 -10.04 2.34
C TYR A 81 5.36 -11.51 2.40
N LYS A 82 6.25 -12.33 2.92
CA LYS A 82 5.97 -13.75 3.05
C LYS A 82 5.20 -13.99 4.35
N ASN A 83 4.64 -15.19 4.48
CA ASN A 83 3.90 -15.57 5.68
C ASN A 83 2.72 -14.63 5.94
N ILE A 84 1.95 -14.31 4.90
CA ILE A 84 0.80 -13.44 5.05
C ILE A 84 -0.45 -14.28 5.34
N GLY A 85 -1.47 -13.64 5.90
CA GLY A 85 -2.70 -14.36 6.24
C GLY A 85 -3.81 -14.09 5.23
N LYS A 86 -4.92 -14.81 5.38
CA LYS A 86 -6.04 -14.71 4.45
C LYS A 86 -7.36 -14.46 5.20
N CYS A 87 -8.26 -13.70 4.59
CA CYS A 87 -9.55 -13.43 5.24
C CYS A 87 -10.64 -14.18 4.49
N PRO A 88 -11.75 -14.48 5.13
CA PRO A 88 -12.86 -15.25 4.48
C PRO A 88 -13.43 -14.55 3.25
N ASP A 89 -13.74 -15.33 2.22
CA ASP A 89 -14.31 -14.79 1.00
C ASP A 89 -15.74 -14.28 1.20
N PRO A 90 -16.64 -15.05 1.83
CA PRO A 90 -18.04 -14.60 2.05
C PRO A 90 -18.11 -13.16 2.57
N GLY A 1 8.57 6.75 -18.43
CA GLY A 1 8.02 5.65 -17.57
C GLY A 1 9.04 5.30 -16.50
N SER A 2 8.55 5.14 -15.27
CA SER A 2 9.41 4.81 -14.14
C SER A 2 9.29 3.34 -13.78
N GLY A 3 8.89 2.53 -14.75
CA GLY A 3 8.72 1.10 -14.50
C GLY A 3 7.41 0.84 -13.79
N THR A 4 6.32 1.59 -14.05
CA THR A 4 5.03 1.39 -13.35
C THR A 4 4.94 2.29 -12.13
N GLY A 5 6.08 2.55 -11.52
CA GLY A 5 6.17 3.40 -10.34
C GLY A 5 5.28 2.89 -9.22
N CYS A 6 4.94 3.79 -8.30
CA CYS A 6 4.08 3.45 -7.17
C CYS A 6 2.80 4.26 -7.23
N PRO A 7 1.84 3.83 -8.00
CA PRO A 7 0.53 4.53 -8.15
C PRO A 7 -0.10 4.78 -6.78
N PRO A 8 -1.27 5.37 -6.71
CA PRO A 8 -1.91 5.64 -5.41
C PRO A 8 -2.33 4.35 -4.73
N LEU A 9 -2.34 3.27 -5.54
CA LEU A 9 -2.70 1.89 -5.15
C LEU A 9 -4.02 1.47 -5.85
N PRO A 10 -4.01 0.42 -6.64
CA PRO A 10 -5.24 -0.03 -7.37
C PRO A 10 -6.24 -0.77 -6.49
N ASP A 11 -7.51 -0.77 -6.91
CA ASP A 11 -8.54 -1.52 -6.20
C ASP A 11 -8.89 -2.74 -7.05
N ASP A 12 -8.94 -3.93 -6.43
CA ASP A 12 -9.25 -5.13 -7.21
C ASP A 12 -10.59 -5.75 -6.86
N GLY A 13 -11.39 -5.03 -6.11
CA GLY A 13 -12.72 -5.49 -5.78
C GLY A 13 -12.75 -6.56 -4.71
N ILE A 14 -11.61 -6.75 -4.07
CA ILE A 14 -11.48 -7.76 -3.03
C ILE A 14 -10.78 -7.10 -1.89
N VAL A 15 -9.75 -6.38 -2.26
CA VAL A 15 -9.00 -5.61 -1.32
C VAL A 15 -8.72 -4.26 -1.96
N PHE A 16 -8.23 -3.37 -1.15
CA PHE A 16 -7.81 -2.04 -1.58
C PHE A 16 -6.68 -1.65 -0.64
N TYR A 17 -5.89 -0.64 -0.95
CA TYR A 17 -4.82 -0.28 -0.10
C TYR A 17 -4.84 1.18 0.14
N GLU A 18 -4.21 1.57 1.18
CA GLU A 18 -4.16 2.96 1.48
C GLU A 18 -2.72 3.32 1.74
N TYR A 19 -2.41 4.58 1.48
CA TYR A 19 -1.05 5.07 1.67
C TYR A 19 -0.94 5.90 2.94
N TYR A 20 0.04 5.55 3.76
CA TYR A 20 0.26 6.26 5.03
C TYR A 20 1.73 6.64 5.18
N GLY A 21 1.95 7.70 5.95
CA GLY A 21 3.30 8.20 6.18
C GLY A 21 3.96 7.45 7.29
N TYR A 22 4.48 6.26 7.03
CA TYR A 22 5.07 5.54 8.13
C TYR A 22 6.30 6.31 8.60
N ALA A 23 6.35 6.61 9.90
CA ALA A 23 7.52 7.29 10.43
C ALA A 23 8.20 6.38 11.46
N GLY A 24 9.05 5.49 10.97
CA GLY A 24 9.81 4.60 11.84
C GLY A 24 8.97 4.03 12.99
N ASP A 25 7.68 3.73 12.78
CA ASP A 25 6.90 3.23 13.91
C ASP A 25 5.59 2.52 13.54
N ARG A 26 5.76 1.27 13.10
CA ARG A 26 4.67 0.35 12.79
C ARG A 26 3.55 0.87 11.92
N HIS A 27 3.90 1.68 10.96
CA HIS A 27 2.92 2.12 9.99
C HIS A 27 1.73 2.83 10.64
N THR A 28 1.88 3.20 11.91
CA THR A 28 0.81 3.85 12.68
C THR A 28 0.61 5.30 12.27
N VAL A 29 -0.62 5.55 11.81
CA VAL A 29 -1.11 6.85 11.37
C VAL A 29 -0.03 7.90 11.16
N GLY A 30 0.18 8.25 9.91
CA GLY A 30 1.15 9.26 9.55
C GLY A 30 0.50 10.22 8.57
N PRO A 31 1.20 11.21 8.11
CA PRO A 31 0.63 12.17 7.16
C PRO A 31 0.12 11.45 5.91
N VAL A 32 -1.06 11.84 5.44
CA VAL A 32 -1.65 11.24 4.26
C VAL A 32 -0.96 11.76 3.02
N VAL A 33 -0.71 10.88 2.07
CA VAL A 33 -0.07 11.30 0.82
C VAL A 33 -1.09 11.39 -0.29
N THR A 34 -0.83 12.25 -1.25
CA THR A 34 -1.73 12.45 -2.38
C THR A 34 -1.14 11.83 -3.62
N LYS A 35 -1.97 11.23 -4.46
CA LYS A 35 -1.46 10.63 -5.69
C LYS A 35 -2.54 10.02 -6.59
N ASP A 36 -2.26 10.03 -7.90
CA ASP A 36 -3.15 9.47 -8.91
C ASP A 36 -2.40 8.42 -9.75
N SER A 37 -3.08 7.36 -10.22
CA SER A 37 -2.41 6.28 -10.98
C SER A 37 -1.74 6.78 -12.26
N SER A 38 -2.06 7.99 -12.64
CA SER A 38 -1.44 8.60 -13.79
C SER A 38 -0.30 9.48 -13.29
N GLY A 39 0.12 9.21 -12.04
CA GLY A 39 1.18 9.94 -11.39
C GLY A 39 2.50 9.17 -11.35
N ASN A 40 2.46 8.01 -10.68
CA ASN A 40 3.65 7.15 -10.50
C ASN A 40 4.73 7.91 -9.71
N TYR A 41 4.37 8.43 -8.54
CA TYR A 41 5.35 9.15 -7.71
C TYR A 41 6.04 8.12 -6.81
N PRO A 42 7.35 8.01 -6.79
CA PRO A 42 7.96 6.98 -5.91
C PRO A 42 8.00 7.44 -4.46
N SER A 43 7.46 6.61 -3.57
CA SER A 43 7.43 6.94 -2.15
C SER A 43 7.50 5.80 -1.26
N PRO A 44 8.20 5.92 -0.15
CA PRO A 44 8.18 4.81 0.70
C PRO A 44 6.84 4.91 1.39
N THR A 45 5.98 4.19 0.76
CA THR A 45 4.56 4.12 1.06
C THR A 45 4.15 2.76 1.62
N HIS A 46 3.27 2.82 2.61
CA HIS A 46 2.72 1.62 3.24
C HIS A 46 1.31 1.38 2.74
N ALA A 47 1.02 0.13 2.39
CA ALA A 47 -0.33 -0.22 1.91
C ALA A 47 -1.11 -0.97 2.97
N ARG A 48 -2.30 -0.45 3.33
CA ARG A 48 -3.14 -1.07 4.33
C ARG A 48 -4.27 -1.74 3.60
N ARG A 49 -4.31 -3.04 3.73
CA ARG A 49 -5.31 -3.84 3.04
C ARG A 49 -6.44 -4.28 3.92
N ARG A 50 -7.57 -4.29 3.33
CA ARG A 50 -8.74 -4.78 3.97
C ARG A 50 -9.42 -5.75 3.06
N CYS A 51 -10.09 -6.71 3.64
CA CYS A 51 -10.81 -7.65 2.85
C CYS A 51 -12.22 -7.16 2.72
N ARG A 52 -12.62 -6.98 1.47
CA ARG A 52 -13.94 -6.52 1.20
C ARG A 52 -14.88 -7.40 1.99
N ALA A 53 -15.93 -6.77 2.46
CA ALA A 53 -16.98 -7.40 3.30
C ALA A 53 -16.79 -7.05 4.77
N LEU A 54 -15.59 -6.61 5.14
CA LEU A 54 -15.31 -6.27 6.54
C LEU A 54 -15.48 -4.78 6.81
N SER A 55 -16.07 -4.47 7.97
CA SER A 55 -16.28 -3.08 8.38
C SER A 55 -14.98 -2.42 8.83
N GLN A 56 -14.80 -1.18 8.41
CA GLN A 56 -13.60 -0.41 8.70
C GLN A 56 -13.25 -0.35 10.19
N GLU A 57 -14.30 -0.26 11.01
CA GLU A 57 -14.17 -0.16 12.45
C GLU A 57 -13.77 -1.51 13.08
N ALA A 58 -14.29 -2.58 12.54
CA ALA A 58 -13.96 -3.92 13.05
C ALA A 58 -12.64 -4.41 12.45
N ASP A 59 -11.87 -3.50 11.84
CA ASP A 59 -10.58 -3.86 11.26
C ASP A 59 -9.60 -2.70 11.37
N PRO A 60 -8.43 -2.92 11.91
CA PRO A 60 -7.42 -1.85 12.05
C PRO A 60 -6.53 -1.74 10.83
N GLY A 61 -6.91 -2.40 9.76
CA GLY A 61 -6.10 -2.34 8.56
C GLY A 61 -4.78 -3.07 8.79
N GLU A 62 -4.51 -4.06 7.96
CA GLU A 62 -3.28 -4.81 8.06
C GLU A 62 -2.42 -4.45 6.87
N PHE A 63 -1.14 -4.27 7.10
CA PHE A 63 -0.26 -3.90 6.03
C PHE A 63 0.29 -5.13 5.31
N VAL A 64 0.19 -5.17 3.99
CA VAL A 64 0.69 -6.33 3.24
C VAL A 64 1.73 -5.96 2.20
N ALA A 65 1.85 -4.67 1.89
CA ALA A 65 2.79 -4.29 0.86
C ALA A 65 3.34 -2.88 1.07
N ILE A 66 4.59 -2.72 0.65
CA ILE A 66 5.29 -1.45 0.80
C ILE A 66 5.90 -1.01 -0.53
N CYS A 67 6.10 0.29 -0.68
CA CYS A 67 6.69 0.83 -1.89
C CYS A 67 8.03 1.42 -1.51
N TYR A 68 8.99 1.30 -2.40
CA TYR A 68 10.32 1.80 -2.12
C TYR A 68 11.02 2.21 -3.40
N LYS A 69 11.57 3.42 -3.42
CA LYS A 69 12.25 3.87 -4.63
C LYS A 69 13.65 3.28 -4.64
N SER A 70 13.98 2.59 -5.73
CA SER A 70 15.29 1.96 -5.85
C SER A 70 16.34 2.96 -6.32
N GLY A 71 17.43 3.06 -5.58
CA GLY A 71 18.50 3.98 -5.93
C GLY A 71 19.25 3.53 -7.19
N THR A 72 19.08 2.26 -7.57
CA THR A 72 19.76 1.72 -8.73
C THR A 72 19.11 2.14 -10.05
N THR A 73 17.79 2.00 -10.14
CA THR A 73 17.10 2.36 -11.38
C THR A 73 16.22 3.60 -11.18
N GLY A 74 15.86 3.87 -9.93
CA GLY A 74 15.03 5.02 -9.61
C GLY A 74 13.55 4.71 -9.81
N GLU A 75 13.26 3.50 -10.32
CA GLU A 75 11.93 3.06 -10.55
C GLU A 75 11.26 2.65 -9.26
N SER A 76 9.99 2.93 -9.20
CA SER A 76 9.19 2.60 -8.03
C SER A 76 8.32 1.38 -8.29
N HIS A 77 8.25 0.52 -7.28
CA HIS A 77 7.46 -0.70 -7.37
C HIS A 77 6.92 -1.11 -6.01
N TRP A 78 5.73 -1.72 -6.00
CA TRP A 78 5.13 -2.19 -4.76
C TRP A 78 5.70 -3.56 -4.42
N GLU A 79 5.78 -3.86 -3.12
CA GLU A 79 6.24 -5.16 -2.69
C GLU A 79 5.01 -6.04 -2.48
N TYR A 80 4.87 -7.09 -3.27
CA TYR A 80 3.69 -7.94 -3.16
C TYR A 80 3.88 -9.04 -2.13
N TYR A 81 2.89 -9.15 -1.25
CA TYR A 81 2.90 -10.16 -0.22
C TYR A 81 2.60 -11.51 -0.83
N LYS A 82 3.13 -12.58 -0.26
CA LYS A 82 2.87 -13.90 -0.80
C LYS A 82 1.60 -14.52 -0.22
N ASN A 83 0.87 -13.77 0.61
CA ASN A 83 -0.34 -14.30 1.23
C ASN A 83 0.05 -15.58 1.93
N ILE A 84 1.10 -15.54 2.72
CA ILE A 84 1.48 -16.69 3.50
C ILE A 84 0.53 -16.78 4.70
N GLY A 85 0.01 -15.61 5.11
CA GLY A 85 -0.92 -15.54 6.23
C GLY A 85 -2.39 -15.48 5.75
N LYS A 86 -3.30 -15.51 6.70
CA LYS A 86 -4.74 -15.48 6.42
C LYS A 86 -5.39 -14.15 6.83
N CYS A 87 -6.45 -13.75 6.11
CA CYS A 87 -7.16 -12.52 6.43
C CYS A 87 -8.51 -12.92 7.02
N PRO A 88 -9.09 -12.14 7.91
CA PRO A 88 -10.39 -12.50 8.54
C PRO A 88 -11.54 -12.60 7.55
N ASP A 89 -12.35 -13.64 7.69
CA ASP A 89 -13.49 -13.86 6.81
C ASP A 89 -13.07 -13.69 5.35
N PRO A 90 -12.19 -14.54 4.88
CA PRO A 90 -11.70 -14.49 3.47
C PRO A 90 -12.83 -14.26 2.47
N GLY A 1 10.05 5.73 -13.25
CA GLY A 1 8.84 6.54 -13.00
C GLY A 1 7.71 6.10 -13.91
N SER A 2 8.03 5.95 -15.20
CA SER A 2 7.04 5.53 -16.18
C SER A 2 7.44 4.19 -16.80
N GLY A 3 6.55 3.21 -16.70
CA GLY A 3 6.81 1.89 -17.24
C GLY A 3 6.78 0.80 -16.18
N THR A 4 6.40 1.20 -14.94
CA THR A 4 6.23 0.31 -13.76
C THR A 4 6.80 0.97 -12.52
N GLY A 5 5.91 1.44 -11.65
CA GLY A 5 6.32 2.09 -10.42
C GLY A 5 5.36 1.73 -9.28
N CYS A 6 4.96 2.72 -8.51
CA CYS A 6 4.05 2.49 -7.40
C CYS A 6 2.75 3.28 -7.56
N PRO A 7 1.82 2.76 -8.34
CA PRO A 7 0.49 3.41 -8.58
C PRO A 7 -0.37 3.41 -7.32
N PRO A 8 -1.55 4.00 -7.31
CA PRO A 8 -2.40 4.04 -6.08
C PRO A 8 -2.95 2.66 -5.71
N LEU A 9 -3.01 1.77 -6.72
CA LEU A 9 -3.57 0.41 -6.56
C LEU A 9 -4.72 0.37 -5.55
N PRO A 10 -5.72 1.24 -5.62
CA PRO A 10 -6.79 1.19 -4.60
C PRO A 10 -7.89 0.21 -4.94
N ASP A 11 -8.24 -0.61 -3.96
CA ASP A 11 -9.31 -1.61 -4.11
C ASP A 11 -9.07 -2.53 -5.30
N ASP A 12 -8.91 -3.81 -5.00
CA ASP A 12 -8.72 -4.82 -6.03
C ASP A 12 -9.89 -5.78 -6.07
N GLY A 13 -10.96 -5.41 -5.41
CA GLY A 13 -12.15 -6.24 -5.41
C GLY A 13 -12.23 -7.14 -4.19
N ILE A 14 -11.21 -7.10 -3.33
CA ILE A 14 -11.18 -7.95 -2.14
C ILE A 14 -10.65 -7.14 -1.01
N VAL A 15 -9.61 -6.41 -1.32
CA VAL A 15 -8.99 -5.52 -0.39
C VAL A 15 -8.74 -4.23 -1.13
N PHE A 16 -8.29 -3.24 -0.42
CA PHE A 16 -7.88 -1.96 -1.02
C PHE A 16 -6.68 -1.45 -0.24
N TYR A 17 -5.90 -0.53 -0.81
CA TYR A 17 -4.77 -0.02 -0.14
C TYR A 17 -4.80 1.45 -0.20
N GLU A 18 -4.13 2.04 0.72
CA GLU A 18 -4.06 3.45 0.74
C GLU A 18 -2.60 3.83 0.84
N TYR A 19 -2.32 5.10 0.62
CA TYR A 19 -0.97 5.61 0.68
C TYR A 19 -0.76 6.40 1.97
N TYR A 20 0.25 6.02 2.76
CA TYR A 20 0.54 6.74 4.00
C TYR A 20 2.03 7.02 4.13
N GLY A 21 2.38 8.08 4.84
CA GLY A 21 3.76 8.46 5.03
C GLY A 21 4.37 7.65 6.15
N TYR A 22 5.25 6.72 5.81
CA TYR A 22 5.86 5.90 6.84
C TYR A 22 6.79 6.75 7.70
N ALA A 23 6.49 6.84 9.00
CA ALA A 23 7.34 7.63 9.91
C ALA A 23 7.99 6.76 10.99
N GLY A 24 9.21 6.29 10.71
CA GLY A 24 9.98 5.49 11.67
C GLY A 24 9.14 4.40 12.36
N ASP A 25 8.10 3.93 11.69
CA ASP A 25 7.24 2.89 12.25
C ASP A 25 6.34 2.34 11.16
N ARG A 26 6.26 1.01 11.15
CA ARG A 26 5.47 0.31 10.17
C ARG A 26 3.98 0.36 10.47
N HIS A 27 3.65 0.76 11.69
CA HIS A 27 2.26 0.77 12.12
C HIS A 27 1.73 2.18 12.34
N THR A 28 2.65 3.14 12.44
CA THR A 28 2.28 4.52 12.68
C THR A 28 1.82 5.20 11.40
N VAL A 29 0.65 5.81 11.47
CA VAL A 29 0.08 6.51 10.35
C VAL A 29 0.69 7.90 10.22
N GLY A 30 0.51 8.50 9.05
CA GLY A 30 1.05 9.82 8.81
C GLY A 30 0.13 10.60 7.89
N PRO A 31 0.57 11.71 7.40
CA PRO A 31 -0.24 12.55 6.48
C PRO A 31 -0.44 11.85 5.13
N VAL A 32 -1.62 12.06 4.55
CA VAL A 32 -1.93 11.45 3.26
C VAL A 32 -1.17 12.18 2.16
N VAL A 33 -0.81 11.45 1.11
CA VAL A 33 -0.08 12.06 0.02
C VAL A 33 -0.95 12.12 -1.24
N THR A 34 -0.53 12.94 -2.19
CA THR A 34 -1.27 13.10 -3.43
C THR A 34 -0.43 12.70 -4.62
N LYS A 35 -1.11 12.16 -5.66
CA LYS A 35 -0.46 11.73 -6.92
C LYS A 35 -1.27 10.64 -7.58
N ASP A 36 -1.15 10.51 -8.89
CA ASP A 36 -1.87 9.47 -9.62
C ASP A 36 -0.87 8.61 -10.41
N SER A 37 -1.30 7.45 -10.91
CA SER A 37 -0.40 6.55 -11.62
C SER A 37 0.17 7.22 -12.86
N SER A 38 -0.48 8.29 -13.29
CA SER A 38 0.00 9.04 -14.43
C SER A 38 0.94 10.13 -13.94
N GLY A 39 1.34 10.03 -12.67
CA GLY A 39 2.25 11.01 -12.09
C GLY A 39 3.17 10.35 -11.06
N ASN A 40 2.96 9.04 -10.80
CA ASN A 40 3.78 8.32 -9.85
C ASN A 40 3.65 8.92 -8.46
N TYR A 41 3.73 8.06 -7.47
CA TYR A 41 3.59 8.47 -6.08
C TYR A 41 4.94 8.80 -5.39
N PRO A 42 4.88 9.38 -4.21
CA PRO A 42 6.05 9.75 -3.35
C PRO A 42 6.91 8.56 -2.92
N SER A 43 7.94 8.88 -2.15
CA SER A 43 8.95 7.98 -1.65
C SER A 43 8.35 7.14 -0.62
N PRO A 44 9.00 6.03 -0.46
CA PRO A 44 8.38 4.88 0.13
C PRO A 44 7.42 5.09 1.23
N THR A 45 6.24 4.94 0.67
CA THR A 45 4.95 5.00 1.31
C THR A 45 4.55 3.65 1.87
N HIS A 46 3.56 3.71 2.74
CA HIS A 46 3.04 2.52 3.37
C HIS A 46 1.59 2.27 2.97
N ALA A 47 1.26 1.00 2.74
CA ALA A 47 -0.11 0.63 2.36
C ALA A 47 -0.86 -0.03 3.51
N ARG A 48 -2.14 0.33 3.64
CA ARG A 48 -3.00 -0.22 4.66
C ARG A 48 -4.13 -0.93 3.97
N ARG A 49 -4.36 -2.16 4.36
CA ARG A 49 -5.36 -2.97 3.72
C ARG A 49 -6.49 -3.33 4.61
N ARG A 50 -7.63 -3.37 4.00
CA ARG A 50 -8.79 -3.82 4.68
C ARG A 50 -9.48 -4.86 3.84
N CYS A 51 -10.21 -5.72 4.46
CA CYS A 51 -10.89 -6.76 3.73
C CYS A 51 -12.31 -6.35 3.41
N ARG A 52 -12.74 -6.59 2.20
CA ARG A 52 -14.10 -6.22 1.84
C ARG A 52 -15.06 -6.93 2.79
N ALA A 53 -14.76 -8.20 3.12
CA ALA A 53 -15.60 -8.93 4.07
C ALA A 53 -15.43 -8.22 5.41
N LEU A 54 -14.28 -7.55 5.55
CA LEU A 54 -13.97 -6.72 6.69
C LEU A 54 -13.70 -7.48 7.98
N SER A 55 -12.86 -6.83 8.79
CA SER A 55 -12.48 -7.34 10.09
C SER A 55 -13.63 -7.08 11.05
N GLN A 56 -13.87 -8.00 11.95
CA GLN A 56 -15.00 -7.93 12.85
C GLN A 56 -15.14 -6.60 13.64
N GLU A 57 -14.01 -5.93 13.89
CA GLU A 57 -13.99 -4.63 14.57
C GLU A 57 -14.31 -3.50 13.61
N ALA A 58 -14.38 -3.87 12.35
CA ALA A 58 -14.48 -2.98 11.21
C ALA A 58 -13.02 -2.90 10.78
N ASP A 59 -12.40 -1.75 10.89
CA ASP A 59 -11.02 -1.63 10.42
C ASP A 59 -10.18 -0.65 11.23
N PRO A 60 -9.06 -1.08 11.77
CA PRO A 60 -8.14 -0.18 12.47
C PRO A 60 -6.97 0.18 11.57
N GLY A 61 -7.02 -0.28 10.33
CA GLY A 61 -5.94 -0.01 9.39
C GLY A 61 -4.68 -0.78 9.79
N GLU A 62 -4.28 -1.76 8.96
CA GLU A 62 -3.10 -2.54 9.23
C GLU A 62 -2.21 -2.49 8.00
N PHE A 63 -0.92 -2.38 8.20
CA PHE A 63 -0.01 -2.28 7.09
C PHE A 63 0.45 -3.66 6.60
N VAL A 64 0.25 -3.95 5.31
CA VAL A 64 0.67 -5.26 4.77
C VAL A 64 1.72 -5.12 3.69
N ALA A 65 1.95 -3.90 3.21
CA ALA A 65 2.92 -3.71 2.15
C ALA A 65 3.46 -2.28 2.13
N ILE A 66 4.70 -2.17 1.69
CA ILE A 66 5.41 -0.89 1.60
C ILE A 66 5.98 -0.77 0.21
N CYS A 67 6.22 0.44 -0.27
CA CYS A 67 6.76 0.62 -1.61
C CYS A 67 8.16 1.16 -1.54
N TYR A 68 9.12 0.41 -2.04
CA TYR A 68 10.50 0.86 -1.98
C TYR A 68 11.05 1.20 -3.35
N LYS A 69 11.57 2.42 -3.49
CA LYS A 69 12.15 2.86 -4.74
C LYS A 69 13.59 2.39 -4.78
N SER A 70 13.94 1.65 -5.82
CA SER A 70 15.30 1.12 -5.95
C SER A 70 16.22 2.15 -6.56
N GLY A 71 17.35 2.39 -5.90
CA GLY A 71 18.33 3.36 -6.39
C GLY A 71 19.02 2.85 -7.65
N THR A 72 18.96 1.54 -7.87
CA THR A 72 19.62 0.95 -9.04
C THR A 72 18.73 1.02 -10.29
N THR A 73 17.49 0.56 -10.17
CA THR A 73 16.59 0.57 -11.32
C THR A 73 15.77 1.85 -11.36
N GLY A 74 15.52 2.42 -10.19
CA GLY A 74 14.75 3.65 -10.08
C GLY A 74 13.25 3.38 -10.07
N GLU A 75 12.86 2.12 -10.31
CA GLU A 75 11.47 1.76 -10.32
C GLU A 75 10.93 1.57 -8.92
N SER A 76 9.64 1.71 -8.83
CA SER A 76 8.93 1.58 -7.57
C SER A 76 8.02 0.34 -7.61
N HIS A 77 7.93 -0.34 -6.47
CA HIS A 77 7.10 -1.55 -6.38
C HIS A 77 6.61 -1.75 -4.95
N TRP A 78 5.48 -2.45 -4.79
CA TRP A 78 4.95 -2.73 -3.45
C TRP A 78 5.57 -4.03 -2.93
N GLU A 79 5.74 -4.14 -1.61
CA GLU A 79 6.32 -5.34 -1.01
C GLU A 79 5.21 -6.19 -0.37
N TYR A 80 5.11 -7.45 -0.77
CA TYR A 80 4.07 -8.33 -0.23
C TYR A 80 4.53 -9.09 1.02
N TYR A 81 3.61 -9.24 1.96
CA TYR A 81 3.90 -9.96 3.21
C TYR A 81 3.74 -11.47 2.98
N LYS A 82 4.86 -12.15 3.16
CA LYS A 82 5.00 -13.60 3.02
C LYS A 82 3.98 -14.28 2.11
N ASN A 83 4.23 -14.18 0.81
CA ASN A 83 3.39 -14.81 -0.20
C ASN A 83 1.95 -14.31 -0.13
N ILE A 84 1.73 -13.13 0.44
CA ILE A 84 0.37 -12.60 0.58
C ILE A 84 -0.48 -13.51 1.47
N GLY A 85 -1.19 -12.92 2.41
CA GLY A 85 -2.04 -13.68 3.32
C GLY A 85 -3.40 -13.93 2.69
N LYS A 86 -4.35 -14.38 3.52
CA LYS A 86 -5.68 -14.76 3.02
C LYS A 86 -6.80 -13.98 3.70
N CYS A 87 -7.87 -13.73 2.96
CA CYS A 87 -9.02 -13.01 3.50
C CYS A 87 -10.21 -13.97 3.60
N PRO A 88 -11.15 -13.72 4.49
CA PRO A 88 -12.34 -14.60 4.67
C PRO A 88 -13.26 -14.59 3.46
N ASP A 89 -13.95 -15.71 3.25
CA ASP A 89 -14.87 -15.84 2.13
C ASP A 89 -16.14 -15.03 2.39
N PRO A 90 -16.88 -14.68 1.37
CA PRO A 90 -18.13 -13.89 1.50
C PRO A 90 -19.33 -14.77 1.84
#